data_5IUS
#
_entry.id   5IUS
#
_cell.length_a   86.851
_cell.length_b   86.851
_cell.length_c   111.848
_cell.angle_alpha   90.00
_cell.angle_beta   90.00
_cell.angle_gamma   90.00
#
_symmetry.space_group_name_H-M   'P 41'
#
loop_
_entity.id
_entity.type
_entity.pdbx_description
1 polymer 'Programmed cell death protein 1'
2 polymer 'Programmed cell death 1 ligand 1'
3 non-polymer 'CHLORIDE ION'
4 water water
#
loop_
_entity_poly.entity_id
_entity_poly.type
_entity_poly.pdbx_seq_one_letter_code
_entity_poly.pdbx_strand_id
1 'polypeptide(L)'
;GPGSDSPDRPWNPPTFSPALLVVTEGDNATFTCSFSNTSESFHVVWHRESPSGQTDTLAAFPEDRSQPGQDARFRVTQLP
NGRDFHMSVVRARRNDSGTYVCGVISLAPKIQIKESLRAELRVTERAAA
;
A,B
2 'polypeptide(L)'
;MAFTVTVPKDLYVVEYGSNMTIECKFPVEKQLDLAALIVYWEMEDKNIIQFVHGEEDLKVQHSSYRQRARLLKDQLSLGN
AALQITDVKLQDAGVYRCMISYGGADYKRITVKVNAPYNKINQRILVVDPVTSEHELTCQAEGYPKAEVIWTSSDHQVLS
GKTTTTNSKREEKLFNVTSTLRINTTTNEIFYCTFRRLDPEENHTAELVIPELPLAHPPNERTLE
;
C,D
#
loop_
_chem_comp.id
_chem_comp.type
_chem_comp.name
_chem_comp.formula
CL non-polymer 'CHLORIDE ION' 'Cl -1'
#
# COMPACT_ATOMS: atom_id res chain seq x y z
N ASP A 8 -5.45 -16.63 34.28
CA ASP A 8 -4.93 -17.22 33.05
C ASP A 8 -6.01 -17.98 32.31
N ARG A 9 -7.23 -17.95 32.85
CA ARG A 9 -8.35 -18.66 32.26
C ARG A 9 -8.69 -18.15 30.87
N PRO A 10 -8.54 -19.01 29.86
CA PRO A 10 -8.78 -18.65 28.46
C PRO A 10 -10.27 -18.49 28.15
N TRP A 11 -10.60 -17.52 27.30
CA TRP A 11 -11.98 -17.27 26.90
C TRP A 11 -12.08 -17.13 25.38
N ASN A 12 -13.28 -17.37 24.84
CA ASN A 12 -13.46 -17.42 23.40
C ASN A 12 -13.85 -16.08 22.78
N PRO A 13 -13.47 -15.86 21.51
CA PRO A 13 -13.83 -14.66 20.75
C PRO A 13 -15.35 -14.43 20.69
N PRO A 14 -15.76 -13.16 20.61
CA PRO A 14 -17.18 -12.78 20.58
C PRO A 14 -17.91 -13.29 19.34
N THR A 15 -19.22 -13.44 19.44
CA THR A 15 -20.04 -13.83 18.30
C THR A 15 -20.90 -12.67 17.85
N PHE A 16 -20.91 -12.42 16.54
CA PHE A 16 -21.67 -11.29 15.98
C PHE A 16 -22.82 -11.82 15.13
N SER A 17 -23.96 -12.03 15.77
CA SER A 17 -25.14 -12.58 15.10
C SER A 17 -26.19 -11.49 14.85
N PRO A 18 -26.92 -11.61 13.73
CA PRO A 18 -26.79 -12.66 12.72
C PRO A 18 -25.68 -12.39 11.71
N ALA A 19 -25.14 -13.44 11.11
CA ALA A 19 -24.08 -13.31 10.12
C ALA A 19 -24.57 -12.50 8.92
N LEU A 20 -25.87 -12.59 8.65
CA LEU A 20 -26.50 -11.78 7.61
C LEU A 20 -27.79 -11.16 8.12
N LEU A 21 -27.77 -9.84 8.30
CA LEU A 21 -28.94 -9.11 8.77
C LEU A 21 -29.59 -8.36 7.61
N VAL A 22 -30.86 -8.64 7.36
CA VAL A 22 -31.57 -8.01 6.26
C VAL A 22 -32.76 -7.20 6.77
N VAL A 23 -32.69 -5.89 6.59
CA VAL A 23 -33.79 -4.99 6.96
C VAL A 23 -34.12 -4.04 5.81
N THR A 24 -35.29 -3.42 5.86
CA THR A 24 -35.68 -2.44 4.87
C THR A 24 -35.37 -1.03 5.38
N GLU A 25 -34.99 -0.14 4.48
CA GLU A 25 -34.64 1.22 4.85
C GLU A 25 -35.82 1.95 5.50
N GLY A 26 -35.54 2.63 6.60
CA GLY A 26 -36.57 3.29 7.38
C GLY A 26 -36.76 2.56 8.71
N ASP A 27 -36.59 1.24 8.67
CA ASP A 27 -36.70 0.42 9.86
C ASP A 27 -35.38 0.43 10.64
N ASN A 28 -35.33 -0.36 11.71
CA ASN A 28 -34.13 -0.44 12.55
C ASN A 28 -33.50 -1.82 12.50
N ALA A 29 -32.18 -1.86 12.56
CA ALA A 29 -31.44 -3.11 12.53
C ALA A 29 -30.61 -3.26 13.81
N THR A 30 -30.58 -4.48 14.36
CA THR A 30 -29.89 -4.71 15.62
C THR A 30 -29.07 -5.99 15.59
N PHE A 31 -27.77 -5.84 15.83
CA PHE A 31 -26.87 -6.98 15.93
C PHE A 31 -26.71 -7.42 17.38
N THR A 32 -26.13 -8.60 17.59
CA THR A 32 -25.92 -9.12 18.93
C THR A 32 -24.48 -9.60 19.11
N CYS A 33 -23.77 -8.99 20.05
CA CYS A 33 -22.37 -9.32 20.32
C CYS A 33 -22.25 -9.98 21.69
N SER A 34 -21.91 -11.27 21.70
CA SER A 34 -21.92 -12.06 22.92
C SER A 34 -20.56 -12.65 23.27
N PHE A 35 -20.23 -12.64 24.56
CA PHE A 35 -18.97 -13.21 25.05
C PHE A 35 -18.99 -13.37 26.57
N SER A 36 -17.98 -14.06 27.10
CA SER A 36 -17.87 -14.28 28.54
C SER A 36 -16.78 -13.40 29.14
N ASN A 37 -17.18 -12.46 29.99
CA ASN A 37 -16.25 -11.49 30.54
C ASN A 37 -15.62 -11.91 31.86
N THR A 38 -14.30 -12.03 31.87
CA THR A 38 -13.56 -12.32 33.09
C THR A 38 -12.76 -11.09 33.49
N SER A 39 -13.23 -9.92 33.07
CA SER A 39 -12.50 -8.69 33.27
C SER A 39 -13.27 -7.68 34.13
N GLU A 40 -12.55 -6.99 35.00
CA GLU A 40 -13.15 -5.97 35.86
C GLU A 40 -13.30 -4.65 35.09
N SER A 41 -12.35 -4.40 34.19
CA SER A 41 -12.40 -3.24 33.32
C SER A 41 -12.32 -3.69 31.86
N PHE A 42 -13.34 -3.33 31.08
CA PHE A 42 -13.40 -3.78 29.69
C PHE A 42 -14.23 -2.87 28.82
N HIS A 43 -13.91 -2.85 27.52
CA HIS A 43 -14.65 -2.09 26.53
C HIS A 43 -15.10 -3.00 25.41
N VAL A 44 -16.26 -2.71 24.83
CA VAL A 44 -16.70 -3.41 23.62
C VAL A 44 -17.00 -2.39 22.53
N VAL A 45 -16.37 -2.57 21.38
CA VAL A 45 -16.47 -1.58 20.31
C VAL A 45 -17.14 -2.16 19.06
N TRP A 46 -17.65 -1.26 18.22
CA TRP A 46 -18.36 -1.65 17.01
C TRP A 46 -17.73 -1.03 15.78
N HIS A 47 -17.26 -1.89 14.87
CA HIS A 47 -16.57 -1.41 13.67
C HIS A 47 -17.33 -1.74 12.39
N ARG A 48 -17.20 -0.85 11.41
CA ARG A 48 -17.69 -1.12 10.07
C ARG A 48 -16.51 -1.26 9.12
N GLU A 49 -16.37 -2.44 8.54
CA GLU A 49 -15.25 -2.71 7.65
C GLU A 49 -15.68 -2.63 6.19
N SER A 50 -15.29 -1.55 5.54
CA SER A 50 -15.56 -1.35 4.12
C SER A 50 -14.30 -1.69 3.33
N PRO A 51 -14.43 -1.88 2.01
CA PRO A 51 -13.24 -2.07 1.17
C PRO A 51 -12.32 -0.84 1.19
N SER A 52 -11.16 -0.96 0.56
CA SER A 52 -10.10 0.06 0.58
C SER A 52 -9.47 0.19 1.96
N GLY A 53 -9.91 -0.65 2.90
CA GLY A 53 -9.23 -0.80 4.18
C GLY A 53 -9.64 0.16 5.28
N GLN A 54 -10.73 0.89 5.07
CA GLN A 54 -11.19 1.86 6.04
C GLN A 54 -12.05 1.21 7.12
N THR A 55 -11.62 1.32 8.38
CA THR A 55 -12.39 0.82 9.51
C THR A 55 -13.06 1.97 10.24
N ASP A 56 -14.38 1.93 10.32
CA ASP A 56 -15.15 2.98 10.97
C ASP A 56 -15.67 2.55 12.34
N THR A 57 -15.34 3.33 13.36
CA THR A 57 -15.84 3.08 14.71
C THR A 57 -17.16 3.79 14.92
N LEU A 58 -18.22 3.03 15.19
CA LEU A 58 -19.57 3.58 15.28
C LEU A 58 -19.96 3.93 16.71
N ALA A 59 -19.93 2.93 17.58
CA ALA A 59 -20.31 3.12 18.98
C ALA A 59 -19.50 2.21 19.90
N ALA A 60 -19.64 2.44 21.21
CA ALA A 60 -18.92 1.63 22.18
C ALA A 60 -19.62 1.63 23.54
N PHE A 61 -19.19 0.73 24.42
CA PHE A 61 -19.69 0.67 25.79
C PHE A 61 -18.52 0.65 26.77
N PRO A 62 -18.56 1.53 27.78
CA PRO A 62 -19.63 2.50 28.04
C PRO A 62 -19.56 3.74 27.16
N GLU A 63 -20.71 4.39 26.97
CA GLU A 63 -20.81 5.59 26.15
C GLU A 63 -20.23 6.79 26.89
N ASP A 64 -19.42 7.58 26.19
CA ASP A 64 -18.82 8.78 26.77
C ASP A 64 -19.74 10.00 26.61
N ARG A 65 -20.28 10.16 25.40
CA ARG A 65 -21.17 11.28 25.12
C ARG A 65 -22.06 10.99 23.92
N PRO A 68 -16.35 12.61 23.15
CA PRO A 68 -16.64 11.64 22.10
C PRO A 68 -17.91 12.02 21.33
N GLY A 69 -17.80 12.13 20.01
CA GLY A 69 -18.94 12.50 19.20
C GLY A 69 -19.29 11.44 18.17
N GLN A 70 -20.35 10.68 18.44
CA GLN A 70 -20.76 9.61 17.53
C GLN A 70 -21.98 10.01 16.70
N ASP A 71 -22.27 9.19 15.69
CA ASP A 71 -23.32 9.47 14.72
C ASP A 71 -24.72 9.45 15.33
N ALA A 72 -24.83 8.92 16.55
CA ALA A 72 -26.09 8.81 17.30
C ALA A 72 -27.10 7.84 16.68
N ARG A 73 -26.96 7.55 15.38
CA ARG A 73 -27.77 6.51 14.75
C ARG A 73 -27.21 5.14 15.17
N PHE A 74 -25.96 5.14 15.61
CA PHE A 74 -25.32 3.94 16.10
C PHE A 74 -25.13 4.02 17.62
N ARG A 75 -25.63 3.02 18.33
CA ARG A 75 -25.42 2.95 19.77
C ARG A 75 -25.26 1.50 20.22
N VAL A 76 -24.44 1.31 21.24
CA VAL A 76 -24.21 -0.01 21.82
C VAL A 76 -24.70 -0.05 23.25
N THR A 77 -25.65 -0.93 23.53
CA THR A 77 -26.25 -1.01 24.86
C THR A 77 -26.12 -2.42 25.45
N GLN A 78 -25.94 -2.48 26.77
CA GLN A 78 -25.74 -3.74 27.45
C GLN A 78 -27.04 -4.34 27.97
N LEU A 79 -27.27 -5.61 27.66
CA LEU A 79 -28.44 -6.34 28.15
C LEU A 79 -28.23 -6.71 29.62
N PRO A 80 -29.32 -6.89 30.37
CA PRO A 80 -29.26 -7.19 31.81
C PRO A 80 -28.33 -8.34 32.19
N ASN A 81 -28.24 -9.36 31.33
CA ASN A 81 -27.40 -10.52 31.63
C ASN A 81 -25.91 -10.17 31.62
N GLY A 82 -25.58 -9.06 30.96
CA GLY A 82 -24.22 -8.56 30.95
C GLY A 82 -23.26 -9.31 30.05
N ARG A 83 -23.79 -10.24 29.25
CA ARG A 83 -22.95 -11.00 28.33
C ARG A 83 -23.35 -10.76 26.88
N ASP A 84 -24.55 -10.22 26.67
CA ASP A 84 -25.03 -9.90 25.34
C ASP A 84 -25.11 -8.39 25.14
N PHE A 85 -24.71 -7.94 23.95
CA PHE A 85 -24.72 -6.52 23.63
C PHE A 85 -25.44 -6.28 22.30
N HIS A 86 -26.27 -5.25 22.24
CA HIS A 86 -27.03 -4.94 21.04
C HIS A 86 -26.48 -3.74 20.28
N MET A 87 -26.04 -3.98 19.05
CA MET A 87 -25.60 -2.91 18.16
C MET A 87 -26.75 -2.47 17.27
N SER A 88 -27.36 -1.34 17.61
CA SER A 88 -28.57 -0.89 16.93
C SER A 88 -28.31 0.24 15.95
N VAL A 89 -29.11 0.29 14.88
CA VAL A 89 -29.10 1.39 13.92
C VAL A 89 -30.50 1.92 13.73
N VAL A 90 -30.74 3.18 14.06
CA VAL A 90 -32.06 3.76 13.88
C VAL A 90 -32.22 4.30 12.46
N ARG A 91 -33.32 3.92 11.81
CA ARG A 91 -33.59 4.30 10.43
C ARG A 91 -32.41 3.99 9.51
N ALA A 92 -32.24 2.71 9.19
CA ALA A 92 -31.12 2.25 8.37
C ALA A 92 -31.17 2.85 6.97
N ARG A 93 -30.03 3.38 6.52
CA ARG A 93 -29.93 3.91 5.17
C ARG A 93 -29.47 2.83 4.20
N ARG A 94 -29.68 3.06 2.91
CA ARG A 94 -29.21 2.13 1.89
C ARG A 94 -27.69 2.08 1.87
N ASN A 95 -27.06 3.16 2.30
CA ASN A 95 -25.60 3.24 2.35
C ASN A 95 -25.03 2.58 3.60
N ASP A 96 -25.90 1.99 4.43
CA ASP A 96 -25.48 1.33 5.65
C ASP A 96 -25.14 -0.14 5.40
N SER A 97 -25.29 -0.58 4.15
CA SER A 97 -24.96 -1.96 3.80
C SER A 97 -23.46 -2.18 3.89
N GLY A 98 -23.07 -3.43 4.12
CA GLY A 98 -21.66 -3.78 4.22
C GLY A 98 -21.35 -4.72 5.36
N THR A 99 -20.06 -4.88 5.66
CA THR A 99 -19.64 -5.80 6.70
C THR A 99 -19.36 -5.08 8.02
N TYR A 100 -19.82 -5.67 9.12
CA TYR A 100 -19.64 -5.09 10.45
C TYR A 100 -19.06 -6.12 11.42
N VAL A 101 -18.27 -5.64 12.38
CA VAL A 101 -17.69 -6.50 13.40
C VAL A 101 -17.70 -5.85 14.77
N CYS A 102 -17.69 -6.67 15.81
CA CYS A 102 -17.54 -6.17 17.18
C CYS A 102 -16.29 -6.76 17.82
N GLY A 103 -15.64 -5.97 18.66
CA GLY A 103 -14.44 -6.41 19.35
C GLY A 103 -14.51 -6.11 20.83
N VAL A 104 -13.75 -6.85 21.62
CA VAL A 104 -13.72 -6.64 23.06
C VAL A 104 -12.30 -6.36 23.54
N ILE A 105 -12.18 -5.44 24.48
CA ILE A 105 -10.88 -5.03 25.00
C ILE A 105 -10.78 -5.32 26.50
N SER A 106 -9.90 -6.24 26.87
CA SER A 106 -9.66 -6.54 28.27
C SER A 106 -8.45 -5.77 28.77
N LEU A 107 -8.61 -5.03 29.86
CA LEU A 107 -7.56 -4.19 30.40
C LEU A 107 -7.13 -4.65 31.79
N ALA A 108 -8.08 -5.19 32.55
CA ALA A 108 -7.85 -5.48 33.97
C ALA A 108 -7.10 -6.78 34.26
N PRO A 109 -7.56 -7.93 33.73
CA PRO A 109 -6.83 -9.15 34.06
C PRO A 109 -5.49 -9.21 33.32
N LYS A 110 -5.56 -8.89 32.03
CA LYS A 110 -4.39 -8.80 31.17
C LYS A 110 -4.82 -8.06 29.92
N ILE A 111 -3.87 -7.58 29.13
CA ILE A 111 -4.23 -6.85 27.92
C ILE A 111 -4.32 -7.81 26.74
N GLN A 112 -5.55 -8.08 26.34
CA GLN A 112 -5.87 -9.01 25.24
C GLN A 112 -7.02 -8.47 24.41
N ILE A 113 -7.01 -8.78 23.11
CA ILE A 113 -8.06 -8.31 22.21
C ILE A 113 -8.56 -9.43 21.30
N LYS A 114 -9.88 -9.57 21.21
CA LYS A 114 -10.49 -10.57 20.33
C LYS A 114 -11.64 -9.97 19.53
N GLU A 115 -11.65 -10.26 18.23
CA GLU A 115 -12.63 -9.69 17.31
C GLU A 115 -13.55 -10.75 16.72
N SER A 116 -14.83 -10.42 16.57
CA SER A 116 -15.81 -11.35 16.02
C SER A 116 -15.65 -11.49 14.51
N LEU A 117 -16.38 -12.44 13.93
CA LEU A 117 -16.40 -12.61 12.49
C LEU A 117 -17.16 -11.47 11.82
N ARG A 118 -16.96 -11.33 10.51
CA ARG A 118 -17.66 -10.30 9.76
C ARG A 118 -19.14 -10.66 9.58
N ALA A 119 -20.00 -9.66 9.69
CA ALA A 119 -21.44 -9.86 9.50
C ALA A 119 -21.97 -8.89 8.47
N GLU A 120 -22.59 -9.42 7.43
CA GLU A 120 -23.12 -8.61 6.34
C GLU A 120 -24.47 -8.02 6.67
N LEU A 121 -24.64 -6.73 6.41
CA LEU A 121 -25.91 -6.06 6.60
C LEU A 121 -26.49 -5.64 5.25
N ARG A 122 -27.68 -6.14 4.94
CA ARG A 122 -28.34 -5.79 3.68
C ARG A 122 -29.54 -4.90 3.93
N VAL A 123 -29.51 -3.70 3.36
CA VAL A 123 -30.63 -2.77 3.47
C VAL A 123 -31.43 -2.75 2.18
N THR A 124 -32.63 -3.32 2.22
CA THR A 124 -33.46 -3.43 1.03
C THR A 124 -34.34 -2.19 0.87
N GLU A 125 -34.71 -1.88 -0.37
CA GLU A 125 -35.58 -0.75 -0.64
C GLU A 125 -37.02 -1.04 -0.23
N ARG A 126 -37.78 0.03 0.03
CA ARG A 126 -39.14 -0.10 0.54
C ARG A 126 -40.15 -0.25 -0.59
N ARG B 9 -0.27 28.17 -26.35
CA ARG B 9 1.18 28.26 -26.45
C ARG B 9 1.86 27.23 -25.55
N PRO B 10 2.51 26.24 -26.16
CA PRO B 10 3.20 25.17 -25.41
C PRO B 10 4.49 25.64 -24.77
N TRP B 11 4.78 25.14 -23.57
CA TRP B 11 6.01 25.47 -22.86
C TRP B 11 6.65 24.23 -22.25
N ASN B 12 7.97 24.27 -22.09
CA ASN B 12 8.73 23.11 -21.61
C ASN B 12 8.89 23.08 -20.09
N PRO B 13 9.03 21.88 -19.52
CA PRO B 13 9.25 21.68 -18.08
C PRO B 13 10.41 22.50 -17.52
N PRO B 14 10.32 22.89 -16.24
CA PRO B 14 11.34 23.73 -15.58
C PRO B 14 12.65 23.00 -15.35
N THR B 15 13.73 23.76 -15.23
CA THR B 15 15.06 23.20 -15.01
C THR B 15 15.53 23.49 -13.59
N PHE B 16 16.06 22.46 -12.93
CA PHE B 16 16.56 22.61 -11.57
C PHE B 16 18.06 22.40 -11.52
N SER B 17 18.80 23.49 -11.74
CA SER B 17 20.26 23.43 -11.77
C SER B 17 20.85 23.98 -10.48
N PRO B 18 21.99 23.43 -10.04
CA PRO B 18 22.72 22.33 -10.70
C PRO B 18 22.13 20.96 -10.37
N ALA B 19 22.37 19.99 -11.24
CA ALA B 19 21.90 18.62 -11.02
C ALA B 19 22.56 18.03 -9.78
N LEU B 20 23.75 18.53 -9.47
CA LEU B 20 24.46 18.14 -8.26
C LEU B 20 25.08 19.36 -7.58
N LEU B 21 24.52 19.74 -6.44
CA LEU B 21 25.03 20.87 -5.68
C LEU B 21 25.78 20.40 -4.44
N VAL B 22 27.04 20.80 -4.33
CA VAL B 22 27.87 20.37 -3.21
C VAL B 22 28.34 21.55 -2.37
N VAL B 23 27.91 21.58 -1.12
CA VAL B 23 28.31 22.63 -0.19
C VAL B 23 28.79 22.05 1.13
N THR B 24 29.40 22.89 1.96
CA THR B 24 29.86 22.46 3.26
C THR B 24 28.87 22.91 4.33
N GLU B 25 28.73 22.12 5.39
CA GLU B 25 27.78 22.43 6.46
C GLU B 25 28.14 23.74 7.14
N GLY B 26 27.14 24.59 7.35
CA GLY B 26 27.35 25.91 7.89
C GLY B 26 27.20 26.96 6.82
N ASP B 27 27.57 26.61 5.59
CA ASP B 27 27.43 27.50 4.45
C ASP B 27 26.01 27.46 3.91
N ASN B 28 25.77 28.18 2.82
CA ASN B 28 24.46 28.21 2.19
C ASN B 28 24.47 27.58 0.81
N ALA B 29 23.44 26.81 0.50
CA ALA B 29 23.28 26.19 -0.82
C ALA B 29 22.11 26.82 -1.57
N THR B 30 22.32 27.15 -2.83
CA THR B 30 21.29 27.80 -3.63
C THR B 30 21.07 27.12 -4.97
N PHE B 31 19.90 26.52 -5.15
CA PHE B 31 19.52 25.93 -6.43
C PHE B 31 18.90 26.99 -7.33
N THR B 32 18.82 26.68 -8.62
CA THR B 32 18.21 27.61 -9.57
C THR B 32 17.08 26.93 -10.35
N CYS B 33 15.86 27.41 -10.13
CA CYS B 33 14.67 26.88 -10.81
C CYS B 33 14.29 27.78 -11.97
N SER B 34 14.55 27.31 -13.19
CA SER B 34 14.34 28.14 -14.37
C SER B 34 13.27 27.59 -15.31
N PHE B 35 12.44 28.50 -15.83
CA PHE B 35 11.38 28.15 -16.78
C PHE B 35 10.81 29.40 -17.42
N SER B 36 10.09 29.25 -18.52
CA SER B 36 9.43 30.38 -19.17
C SER B 36 7.96 30.45 -18.79
N ASN B 37 7.59 31.48 -18.02
CA ASN B 37 6.22 31.63 -17.56
C ASN B 37 5.33 32.33 -18.58
N THR B 38 4.37 31.58 -19.12
CA THR B 38 3.36 32.14 -20.01
C THR B 38 2.06 32.33 -19.23
N SER B 39 2.19 32.41 -17.91
CA SER B 39 1.06 32.52 -17.01
C SER B 39 1.06 33.85 -16.26
N GLU B 40 -0.11 34.46 -16.14
CA GLU B 40 -0.24 35.69 -15.36
C GLU B 40 -0.41 35.37 -13.88
N SER B 41 -0.95 34.20 -13.59
CA SER B 41 -1.05 33.71 -12.22
C SER B 41 -0.36 32.34 -12.09
N PHE B 42 0.65 32.27 -11.24
CA PHE B 42 1.42 31.05 -11.09
C PHE B 42 2.09 30.92 -9.72
N HIS B 43 2.34 29.69 -9.31
CA HIS B 43 3.08 29.41 -8.09
C HIS B 43 4.26 28.49 -8.39
N VAL B 44 5.38 28.74 -7.74
CA VAL B 44 6.53 27.84 -7.86
C VAL B 44 6.90 27.32 -6.46
N VAL B 45 6.91 26.00 -6.32
CA VAL B 45 7.07 25.37 -5.02
C VAL B 45 8.38 24.59 -4.93
N TRP B 46 8.86 24.39 -3.71
CA TRP B 46 10.12 23.70 -3.46
C TRP B 46 9.88 22.45 -2.61
N HIS B 47 10.15 21.29 -3.19
CA HIS B 47 9.90 20.03 -2.51
C HIS B 47 11.18 19.27 -2.18
N ARG B 48 11.19 18.63 -1.01
CA ARG B 48 12.22 17.66 -0.68
C ARG B 48 11.65 16.26 -0.80
N GLU B 49 12.11 15.51 -1.80
CA GLU B 49 11.65 14.13 -1.97
C GLU B 49 12.60 13.16 -1.27
N SER B 50 12.10 12.57 -0.18
CA SER B 50 12.89 11.65 0.63
C SER B 50 12.75 10.20 0.14
N PRO B 51 13.78 9.37 0.39
CA PRO B 51 13.77 7.94 0.02
C PRO B 51 12.64 7.15 0.67
N SER B 52 12.00 7.73 1.69
CA SER B 52 10.86 7.08 2.33
C SER B 52 9.56 7.28 1.53
N GLY B 53 9.66 7.97 0.40
CA GLY B 53 8.51 8.22 -0.44
C GLY B 53 7.67 9.41 -0.01
N GLN B 54 8.06 10.03 1.10
CA GLN B 54 7.36 11.21 1.60
C GLN B 54 7.95 12.49 1.02
N THR B 55 7.08 13.33 0.46
CA THR B 55 7.49 14.59 -0.13
C THR B 55 7.33 15.73 0.87
N ASP B 56 8.42 16.44 1.14
CA ASP B 56 8.40 17.54 2.10
C ASP B 56 8.41 18.89 1.38
N THR B 57 7.44 19.73 1.72
CA THR B 57 7.37 21.07 1.13
C THR B 57 8.07 22.08 2.02
N LEU B 58 9.05 22.77 1.46
CA LEU B 58 9.90 23.67 2.24
C LEU B 58 9.46 25.12 2.14
N ALA B 59 9.47 25.66 0.93
CA ALA B 59 9.09 27.05 0.71
C ALA B 59 8.37 27.21 -0.63
N ALA B 60 7.90 28.42 -0.92
CA ALA B 60 7.19 28.69 -2.15
C ALA B 60 7.20 30.17 -2.52
N PHE B 61 6.84 30.46 -3.76
CA PHE B 61 6.72 31.83 -4.24
C PHE B 61 5.36 32.03 -4.90
N PRO B 62 4.64 33.11 -4.54
CA PRO B 62 5.01 34.14 -3.58
C PRO B 62 4.95 33.68 -2.13
N GLU B 63 5.85 34.18 -1.30
CA GLU B 63 5.90 33.80 0.11
C GLU B 63 4.94 34.64 0.94
N ASP B 64 4.20 33.97 1.83
CA ASP B 64 3.27 34.65 2.72
C ASP B 64 3.97 35.10 4.00
N PRO B 68 2.72 32.88 8.23
CA PRO B 68 2.16 31.52 8.31
C PRO B 68 3.08 30.54 9.02
N GLY B 69 3.23 29.36 8.44
CA GLY B 69 4.09 28.32 8.96
C GLY B 69 5.26 28.04 8.05
N GLN B 70 6.23 28.96 8.04
CA GLN B 70 7.43 28.83 7.22
C GLN B 70 8.66 28.55 8.09
N ASP B 71 9.60 27.78 7.55
CA ASP B 71 10.79 27.39 8.30
C ASP B 71 11.81 28.52 8.38
N ALA B 72 11.68 29.49 7.48
CA ALA B 72 12.58 30.65 7.39
C ALA B 72 14.01 30.29 7.00
N ARG B 73 14.41 29.04 7.20
CA ARG B 73 15.72 28.57 6.74
C ARG B 73 15.64 28.27 5.26
N PHE B 74 14.43 28.10 4.75
CA PHE B 74 14.20 27.88 3.33
C PHE B 74 13.44 29.06 2.71
N ARG B 75 13.98 29.60 1.63
CA ARG B 75 13.33 30.71 0.93
C ARG B 75 13.36 30.50 -0.58
N VAL B 76 12.26 30.88 -1.24
CA VAL B 76 12.20 30.87 -2.70
C VAL B 76 11.96 32.28 -3.21
N THR B 77 12.90 32.78 -4.02
CA THR B 77 12.86 34.16 -4.48
C THR B 77 12.96 34.30 -5.99
N GLN B 78 12.26 35.30 -6.52
CA GLN B 78 12.26 35.55 -7.95
C GLN B 78 13.36 36.52 -8.35
N LEU B 79 14.20 36.10 -9.29
CA LEU B 79 15.27 36.95 -9.80
C LEU B 79 14.71 37.99 -10.78
N PRO B 80 15.41 39.12 -10.95
CA PRO B 80 14.95 40.22 -11.79
C PRO B 80 14.48 39.80 -13.18
N ASN B 81 15.14 38.83 -13.79
CA ASN B 81 14.76 38.36 -15.12
C ASN B 81 13.40 37.67 -15.12
N GLY B 82 12.94 37.25 -13.96
CA GLY B 82 11.61 36.69 -13.81
C GLY B 82 11.45 35.27 -14.32
N ARG B 83 12.55 34.67 -14.76
CA ARG B 83 12.53 33.30 -15.25
C ARG B 83 13.34 32.38 -14.36
N ASP B 84 14.20 32.98 -13.53
CA ASP B 84 15.04 32.21 -12.64
C ASP B 84 14.62 32.39 -11.17
N PHE B 85 14.62 31.29 -10.42
CA PHE B 85 14.24 31.32 -9.02
C PHE B 85 15.31 30.66 -8.14
N HIS B 86 15.61 31.28 -7.01
CA HIS B 86 16.63 30.77 -6.11
C HIS B 86 16.05 30.04 -4.91
N MET B 87 16.29 28.74 -4.83
CA MET B 87 15.94 27.96 -3.66
C MET B 87 17.11 27.96 -2.69
N SER B 88 17.01 28.76 -1.63
CA SER B 88 18.12 28.98 -0.71
C SER B 88 17.97 28.21 0.59
N VAL B 89 19.10 27.81 1.17
CA VAL B 89 19.14 27.19 2.49
C VAL B 89 20.09 27.96 3.40
N VAL B 90 19.55 28.54 4.47
CA VAL B 90 20.38 29.29 5.42
C VAL B 90 21.00 28.36 6.45
N ARG B 91 22.33 28.38 6.52
CA ARG B 91 23.09 27.51 7.42
C ARG B 91 22.71 26.04 7.20
N ALA B 92 23.17 25.48 6.09
CA ALA B 92 22.81 24.12 5.70
C ALA B 92 23.36 23.09 6.67
N ARG B 93 22.48 22.18 7.11
CA ARG B 93 22.88 21.07 7.96
C ARG B 93 23.22 19.88 7.08
N ARG B 94 23.94 18.91 7.64
CA ARG B 94 24.33 17.73 6.86
C ARG B 94 23.13 16.82 6.62
N ASN B 95 22.14 16.92 7.49
CA ASN B 95 20.91 16.16 7.34
C ASN B 95 19.98 16.76 6.29
N ASP B 96 20.41 17.87 5.69
CA ASP B 96 19.64 18.50 4.62
C ASP B 96 20.07 17.97 3.26
N SER B 97 21.00 17.03 3.25
CA SER B 97 21.43 16.39 2.01
C SER B 97 20.31 15.54 1.44
N GLY B 98 20.36 15.28 0.14
CA GLY B 98 19.37 14.46 -0.52
C GLY B 98 18.89 15.07 -1.83
N THR B 99 17.81 14.50 -2.37
CA THR B 99 17.27 14.96 -3.64
C THR B 99 16.16 15.99 -3.44
N TYR B 100 16.22 17.08 -4.19
CA TYR B 100 15.21 18.12 -4.13
C TYR B 100 14.65 18.42 -5.51
N VAL B 101 13.41 18.89 -5.57
CA VAL B 101 12.79 19.28 -6.83
C VAL B 101 12.01 20.57 -6.69
N CYS B 102 11.88 21.30 -7.80
CA CYS B 102 11.00 22.46 -7.85
C CYS B 102 9.92 22.22 -8.88
N GLY B 103 8.73 22.74 -8.59
CA GLY B 103 7.61 22.59 -9.49
C GLY B 103 6.91 23.90 -9.75
N VAL B 104 6.27 24.01 -10.91
CA VAL B 104 5.53 25.22 -11.25
C VAL B 104 4.05 24.90 -11.43
N ILE B 105 3.20 25.79 -10.94
CA ILE B 105 1.75 25.59 -11.02
C ILE B 105 1.09 26.74 -11.79
N SER B 106 0.60 26.43 -12.99
CA SER B 106 -0.08 27.43 -13.81
C SER B 106 -1.59 27.37 -13.58
N LEU B 107 -2.19 28.52 -13.33
CA LEU B 107 -3.61 28.57 -12.98
C LEU B 107 -4.46 29.26 -14.04
N ALA B 108 -3.93 30.33 -14.63
CA ALA B 108 -4.71 31.15 -15.56
C ALA B 108 -4.72 30.63 -17.00
N PRO B 109 -3.54 30.40 -17.62
CA PRO B 109 -3.66 29.85 -18.98
C PRO B 109 -3.96 28.36 -18.94
N LYS B 110 -5.20 28.03 -18.55
CA LYS B 110 -5.62 26.66 -18.21
C LYS B 110 -4.82 26.14 -17.02
N ILE B 111 -5.30 25.07 -16.40
CA ILE B 111 -4.64 24.54 -15.21
C ILE B 111 -3.72 23.38 -15.56
N GLN B 112 -2.41 23.65 -15.47
CA GLN B 112 -1.40 22.66 -15.80
C GLN B 112 -0.25 22.74 -14.81
N ILE B 113 0.51 21.65 -14.69
CA ILE B 113 1.60 21.59 -13.74
C ILE B 113 2.77 20.74 -14.25
N LYS B 114 3.97 21.29 -14.12
CA LYS B 114 5.18 20.57 -14.52
C LYS B 114 6.24 20.64 -13.43
N GLU B 115 6.92 19.51 -13.19
CA GLU B 115 7.94 19.43 -12.17
C GLU B 115 9.32 19.25 -12.78
N SER B 116 10.31 19.92 -12.21
CA SER B 116 11.69 19.81 -12.67
C SER B 116 12.27 18.45 -12.32
N LEU B 117 13.44 18.15 -12.87
CA LEU B 117 14.13 16.91 -12.57
C LEU B 117 14.79 16.98 -11.20
N ARG B 118 15.15 15.83 -10.65
CA ARG B 118 15.74 15.78 -9.32
C ARG B 118 17.16 16.35 -9.33
N ALA B 119 17.50 17.09 -8.28
CA ALA B 119 18.84 17.62 -8.13
C ALA B 119 19.41 17.21 -6.77
N GLU B 120 20.54 16.52 -6.79
CA GLU B 120 21.15 16.03 -5.56
C GLU B 120 21.89 17.14 -4.81
N LEU B 121 21.61 17.26 -3.52
CA LEU B 121 22.32 18.20 -2.66
C LEU B 121 23.26 17.44 -1.72
N ARG B 122 24.56 17.71 -1.85
CA ARG B 122 25.55 17.08 -0.98
C ARG B 122 26.12 18.08 0.02
N VAL B 123 25.86 17.85 1.29
CA VAL B 123 26.41 18.71 2.35
C VAL B 123 27.61 18.03 3.00
N THR B 124 28.80 18.57 2.74
CA THR B 124 30.04 17.99 3.23
C THR B 124 30.38 18.51 4.62
N GLU B 125 31.04 17.67 5.42
CA GLU B 125 31.47 18.06 6.75
C GLU B 125 32.72 18.94 6.70
N ARG B 126 32.90 19.77 7.73
CA ARG B 126 34.06 20.65 7.80
C ARG B 126 35.27 19.94 8.37
N ALA C 2 -18.23 7.57 19.64
CA ALA C 2 -17.48 7.40 20.88
C ALA C 2 -16.00 7.66 20.64
N PHE C 3 -15.16 7.21 21.57
CA PHE C 3 -13.72 7.34 21.43
C PHE C 3 -13.25 6.53 20.21
N THR C 4 -12.60 7.19 19.27
CA THR C 4 -12.18 6.53 18.04
C THR C 4 -10.69 6.69 17.76
N VAL C 5 -10.03 5.57 17.49
CA VAL C 5 -8.65 5.58 17.04
C VAL C 5 -8.65 5.54 15.51
N THR C 6 -7.87 6.41 14.89
CA THR C 6 -7.82 6.47 13.44
C THR C 6 -6.41 6.20 12.95
N VAL C 7 -6.29 5.62 11.76
CA VAL C 7 -4.98 5.30 11.19
C VAL C 7 -4.82 5.91 9.79
N PRO C 8 -3.76 6.71 9.61
CA PRO C 8 -3.46 7.35 8.32
C PRO C 8 -3.20 6.34 7.21
N LYS C 9 -2.35 5.36 7.47
CA LYS C 9 -2.02 4.34 6.48
C LYS C 9 -2.39 2.95 6.96
N ASP C 10 -3.39 2.35 6.32
CA ASP C 10 -3.79 0.99 6.64
C ASP C 10 -2.79 -0.01 6.08
N LEU C 11 -1.95 0.44 5.15
CA LEU C 11 -1.00 -0.44 4.49
C LEU C 11 0.40 0.17 4.37
N TYR C 12 1.41 -0.58 4.80
CA TYR C 12 2.80 -0.18 4.64
C TYR C 12 3.58 -1.19 3.82
N VAL C 13 4.32 -0.72 2.82
CA VAL C 13 5.24 -1.59 2.09
C VAL C 13 6.67 -1.22 2.44
N VAL C 14 7.35 -2.12 3.14
CA VAL C 14 8.68 -1.84 3.66
C VAL C 14 9.73 -2.72 2.99
N GLU C 15 10.89 -2.14 2.70
CA GLU C 15 11.98 -2.89 2.10
C GLU C 15 12.68 -3.73 3.16
N TYR C 16 13.01 -4.97 2.80
CA TYR C 16 13.66 -5.88 3.73
C TYR C 16 14.97 -5.32 4.28
N GLY C 17 15.12 -5.38 5.59
CA GLY C 17 16.34 -4.91 6.24
C GLY C 17 16.29 -3.46 6.67
N SER C 18 15.26 -2.75 6.20
CA SER C 18 15.10 -1.34 6.54
C SER C 18 14.29 -1.19 7.83
N ASN C 19 14.07 0.06 8.25
CA ASN C 19 13.28 0.33 9.43
C ASN C 19 11.91 0.90 9.06
N MET C 20 10.89 0.48 9.79
CA MET C 20 9.53 0.96 9.54
C MET C 20 8.95 1.64 10.77
N THR C 21 8.11 2.63 10.53
CA THR C 21 7.41 3.31 11.61
C THR C 21 5.93 3.43 11.25
N ILE C 22 5.09 2.68 11.95
CA ILE C 22 3.65 2.72 11.71
C ILE C 22 2.96 3.51 12.82
N GLU C 23 1.87 4.20 12.47
CA GLU C 23 1.27 5.16 13.39
C GLU C 23 -0.21 4.89 13.64
N CYS C 24 -0.65 5.19 14.86
CA CYS C 24 -2.06 5.18 15.23
C CYS C 24 -2.41 6.48 15.96
N LYS C 25 -3.44 7.16 15.48
CA LYS C 25 -3.82 8.45 16.03
C LYS C 25 -4.99 8.33 17.01
N PHE C 26 -4.98 9.15 18.05
CA PHE C 26 -6.07 9.16 19.04
C PHE C 26 -6.30 10.58 19.57
N PRO C 27 -7.55 10.92 19.89
CA PRO C 27 -7.94 12.27 20.32
C PRO C 27 -7.19 12.77 21.57
N VAL C 28 -6.61 13.97 21.46
CA VAL C 28 -6.01 14.64 22.60
C VAL C 28 -6.41 16.12 22.60
N GLU C 29 -7.14 16.54 23.63
CA GLU C 29 -7.69 17.88 23.66
C GLU C 29 -7.00 18.78 24.69
N LYS C 30 -6.14 18.18 25.50
CA LYS C 30 -5.41 18.93 26.53
C LYS C 30 -4.03 18.32 26.77
N GLN C 31 -3.55 18.44 28.00
CA GLN C 31 -2.30 17.81 28.40
C GLN C 31 -2.48 16.29 28.43
N LEU C 32 -1.49 15.57 27.93
CA LEU C 32 -1.52 14.11 27.96
C LEU C 32 -1.44 13.60 29.40
N ASP C 33 -2.45 12.85 29.80
CA ASP C 33 -2.49 12.26 31.13
C ASP C 33 -1.97 10.82 31.09
N LEU C 34 -0.68 10.66 31.35
CA LEU C 34 -0.01 9.37 31.23
C LEU C 34 -0.58 8.30 32.16
N ALA C 35 -1.13 8.73 33.29
CA ALA C 35 -1.68 7.80 34.28
C ALA C 35 -2.93 7.09 33.76
N ALA C 36 -3.64 7.72 32.83
CA ALA C 36 -4.87 7.15 32.29
C ALA C 36 -4.66 6.64 30.87
N LEU C 37 -3.44 6.77 30.36
CA LEU C 37 -3.13 6.37 29.00
C LEU C 37 -2.64 4.92 28.92
N ILE C 38 -3.20 4.16 27.98
CA ILE C 38 -2.75 2.79 27.71
C ILE C 38 -2.52 2.61 26.22
N VAL C 39 -1.33 2.09 25.87
CA VAL C 39 -0.99 1.85 24.47
C VAL C 39 -0.54 0.39 24.28
N TYR C 40 -1.18 -0.29 23.34
CA TYR C 40 -0.91 -1.71 23.12
C TYR C 40 -0.64 -2.03 21.66
N TRP C 41 0.48 -2.69 21.39
CA TRP C 41 0.84 -3.11 20.04
C TRP C 41 1.04 -4.62 19.98
N GLU C 42 0.41 -5.26 19.01
CA GLU C 42 0.57 -6.70 18.83
C GLU C 42 0.52 -7.11 17.37
N MET C 43 0.96 -8.32 17.09
CA MET C 43 0.97 -8.86 15.74
C MET C 43 1.01 -10.39 15.79
N GLU C 44 -0.02 -11.02 15.25
CA GLU C 44 -0.17 -12.47 15.30
C GLU C 44 -0.12 -12.98 16.74
N ASP C 45 -0.92 -12.34 17.59
CA ASP C 45 -1.05 -12.70 19.00
C ASP C 45 0.27 -12.63 19.77
N LYS C 46 1.23 -11.89 19.21
CA LYS C 46 2.50 -11.66 19.89
C LYS C 46 2.56 -10.24 20.41
N ASN C 47 2.85 -10.08 21.70
CA ASN C 47 2.97 -8.76 22.29
C ASN C 47 4.19 -8.02 21.78
N ILE C 48 3.99 -6.79 21.31
CA ILE C 48 5.08 -5.96 20.83
C ILE C 48 5.36 -4.82 21.80
N ILE C 49 4.34 -4.03 22.08
CA ILE C 49 4.47 -2.89 22.98
C ILE C 49 3.29 -2.81 23.94
N GLN C 50 3.60 -2.76 25.24
CA GLN C 50 2.57 -2.56 26.26
C GLN C 50 2.93 -1.33 27.11
N PHE C 51 2.18 -0.25 26.90
CA PHE C 51 2.42 1.02 27.58
C PHE C 51 1.25 1.34 28.52
N VAL C 52 1.49 1.22 29.82
CA VAL C 52 0.44 1.42 30.81
C VAL C 52 0.95 2.25 32.00
N HIS C 53 0.09 3.12 32.52
CA HIS C 53 0.41 3.99 33.65
C HIS C 53 1.63 4.87 33.36
N GLY C 54 1.73 5.33 32.11
CA GLY C 54 2.78 6.25 31.72
C GLY C 54 4.16 5.63 31.58
N GLU C 55 4.24 4.32 31.70
CA GLU C 55 5.51 3.62 31.57
C GLU C 55 5.36 2.34 30.75
N GLU C 56 6.43 1.95 30.07
CA GLU C 56 6.39 0.76 29.23
C GLU C 56 6.65 -0.51 30.05
N ASP C 57 5.73 -1.47 29.93
CA ASP C 57 5.87 -2.75 30.62
C ASP C 57 6.50 -3.77 29.67
N LEU C 58 7.73 -4.16 29.97
CA LEU C 58 8.51 -5.00 29.06
C LEU C 58 8.47 -6.48 29.42
N LYS C 59 7.81 -6.81 30.51
CA LYS C 59 7.81 -8.18 31.01
C LYS C 59 7.09 -9.14 30.06
N VAL C 60 6.03 -8.66 29.44
CA VAL C 60 5.18 -9.49 28.60
C VAL C 60 5.61 -9.44 27.13
N GLN C 61 6.57 -8.59 26.81
CA GLN C 61 7.02 -8.41 25.44
C GLN C 61 7.63 -9.68 24.84
N HIS C 62 7.30 -9.95 23.58
CA HIS C 62 7.75 -11.16 22.91
C HIS C 62 9.25 -11.10 22.62
N SER C 63 9.90 -12.27 22.64
CA SER C 63 11.35 -12.35 22.47
C SER C 63 11.81 -11.84 21.12
N SER C 64 10.93 -11.98 20.12
CA SER C 64 11.27 -11.60 18.76
C SER C 64 11.49 -10.10 18.59
N TYR C 65 10.99 -9.32 19.54
CA TYR C 65 11.06 -7.86 19.45
C TYR C 65 11.89 -7.24 20.57
N ARG C 66 12.71 -8.05 21.22
CA ARG C 66 13.42 -7.67 22.45
C ARG C 66 14.06 -6.28 22.42
N GLN C 67 15.03 -6.09 21.53
CA GLN C 67 15.78 -4.83 21.48
C GLN C 67 15.70 -4.16 20.11
N ARG C 68 14.61 -4.42 19.39
CA ARG C 68 14.45 -3.87 18.05
C ARG C 68 13.16 -3.07 17.89
N ALA C 69 12.27 -3.18 18.87
CA ALA C 69 11.00 -2.46 18.84
C ALA C 69 10.88 -1.50 20.01
N ARG C 70 10.32 -0.32 19.74
CA ARG C 70 10.15 0.71 20.77
C ARG C 70 9.03 1.68 20.40
N LEU C 71 8.42 2.28 21.41
CA LEU C 71 7.36 3.26 21.20
C LEU C 71 7.90 4.68 21.36
N LEU C 72 7.61 5.53 20.38
CA LEU C 72 8.10 6.90 20.40
C LEU C 72 7.29 7.74 21.39
N LYS C 73 7.91 8.04 22.53
CA LYS C 73 7.25 8.79 23.60
C LYS C 73 6.85 10.20 23.18
N ASP C 74 7.72 10.85 22.41
CA ASP C 74 7.54 12.25 22.01
C ASP C 74 6.23 12.49 21.28
N GLN C 75 5.85 11.54 20.44
CA GLN C 75 4.67 11.68 19.60
C GLN C 75 3.37 11.47 20.38
N LEU C 76 3.46 10.84 21.54
CA LEU C 76 2.27 10.52 22.34
C LEU C 76 1.52 11.77 22.80
N SER C 77 2.27 12.82 23.15
CA SER C 77 1.67 14.06 23.62
C SER C 77 0.84 14.72 22.53
N LEU C 78 1.24 14.51 21.28
CA LEU C 78 0.54 15.08 20.14
C LEU C 78 -0.64 14.20 19.71
N GLY C 79 -0.77 13.04 20.36
CA GLY C 79 -1.85 12.12 20.08
C GLY C 79 -1.49 11.10 19.01
N ASN C 80 -0.19 10.84 18.89
CA ASN C 80 0.31 9.91 17.89
C ASN C 80 1.04 8.73 18.51
N ALA C 81 0.45 7.54 18.39
CA ALA C 81 1.10 6.31 18.83
C ALA C 81 1.91 5.72 17.69
N ALA C 82 3.21 5.99 17.68
CA ALA C 82 4.08 5.54 16.60
C ALA C 82 4.98 4.39 17.02
N LEU C 83 4.78 3.24 16.38
CA LEU C 83 5.62 2.07 16.63
C LEU C 83 6.74 1.98 15.60
N GLN C 84 7.98 1.95 16.08
CA GLN C 84 9.14 1.86 15.20
C GLN C 84 9.87 0.53 15.37
N ILE C 85 10.00 -0.21 14.27
CA ILE C 85 10.71 -1.49 14.31
C ILE C 85 11.94 -1.47 13.40
N THR C 86 13.10 -1.78 13.97
CA THR C 86 14.35 -1.79 13.22
C THR C 86 14.67 -3.18 12.70
N ASP C 87 15.44 -3.23 11.62
CA ASP C 87 15.86 -4.49 10.99
C ASP C 87 14.67 -5.39 10.68
N VAL C 88 13.78 -4.90 9.81
CA VAL C 88 12.56 -5.63 9.48
C VAL C 88 12.85 -6.90 8.68
N LYS C 89 12.34 -8.02 9.17
CA LYS C 89 12.48 -9.30 8.47
C LYS C 89 11.14 -9.73 7.89
N LEU C 90 11.14 -10.88 7.21
CA LEU C 90 9.92 -11.43 6.61
C LEU C 90 8.89 -11.78 7.68
N GLN C 91 9.36 -12.16 8.86
CA GLN C 91 8.50 -12.54 9.96
C GLN C 91 7.72 -11.33 10.48
N ASP C 92 8.17 -10.14 10.12
CA ASP C 92 7.51 -8.91 10.53
C ASP C 92 6.41 -8.53 9.56
N ALA C 93 6.35 -9.23 8.43
CA ALA C 93 5.27 -9.03 7.47
C ALA C 93 3.98 -9.64 8.00
N GLY C 94 2.91 -8.86 7.98
CA GLY C 94 1.62 -9.36 8.44
C GLY C 94 0.70 -8.28 8.94
N VAL C 95 -0.26 -8.67 9.77
CA VAL C 95 -1.29 -7.75 10.26
C VAL C 95 -0.99 -7.27 11.68
N TYR C 96 -0.83 -5.96 11.83
CA TYR C 96 -0.57 -5.37 13.14
C TYR C 96 -1.84 -4.78 13.74
N ARG C 97 -1.86 -4.67 15.05
CA ARG C 97 -3.01 -4.10 15.73
C ARG C 97 -2.58 -3.19 16.88
N CYS C 98 -3.11 -1.97 16.89
CA CYS C 98 -2.82 -1.01 17.94
C CYS C 98 -4.04 -0.82 18.82
N MET C 99 -3.83 -0.69 20.12
CA MET C 99 -4.93 -0.41 21.05
C MET C 99 -4.60 0.79 21.92
N ILE C 100 -5.53 1.73 21.98
CA ILE C 100 -5.34 2.95 22.77
C ILE C 100 -6.46 3.13 23.78
N SER C 101 -6.09 3.36 25.03
CA SER C 101 -7.07 3.66 26.08
C SER C 101 -6.76 5.01 26.73
N TYR C 102 -7.65 5.97 26.52
CA TYR C 102 -7.46 7.31 27.05
C TYR C 102 -8.80 8.05 27.11
N GLY C 103 -9.49 7.88 28.24
CA GLY C 103 -10.84 8.39 28.36
C GLY C 103 -11.73 7.73 27.34
N GLY C 104 -11.63 6.40 27.28
CA GLY C 104 -12.28 5.61 26.25
C GLY C 104 -11.28 4.64 25.67
N ALA C 105 -11.73 3.71 24.84
CA ALA C 105 -10.84 2.70 24.28
C ALA C 105 -11.27 2.26 22.87
N ASP C 106 -10.27 2.07 22.01
CA ASP C 106 -10.52 1.61 20.64
C ASP C 106 -9.26 0.95 20.08
N TYR C 107 -9.42 0.23 18.97
CA TYR C 107 -8.28 -0.42 18.33
C TYR C 107 -8.42 -0.37 16.81
N LYS C 108 -7.29 -0.41 16.11
CA LYS C 108 -7.30 -0.41 14.66
C LYS C 108 -6.30 -1.41 14.08
N ARG C 109 -6.40 -1.64 12.77
CA ARG C 109 -5.62 -2.67 12.11
C ARG C 109 -4.73 -2.09 11.00
N ILE C 110 -3.46 -2.47 11.01
CA ILE C 110 -2.50 -2.00 10.02
C ILE C 110 -1.81 -3.17 9.32
N THR C 111 -1.96 -3.24 8.00
CA THR C 111 -1.30 -4.29 7.22
C THR C 111 0.11 -3.87 6.84
N VAL C 112 1.09 -4.70 7.18
CA VAL C 112 2.48 -4.43 6.82
C VAL C 112 3.02 -5.49 5.87
N LYS C 113 3.47 -5.04 4.70
CA LYS C 113 4.06 -5.93 3.71
C LYS C 113 5.58 -5.75 3.64
N VAL C 114 6.31 -6.85 3.61
CA VAL C 114 7.76 -6.79 3.50
C VAL C 114 8.21 -7.33 2.15
N ASN C 115 8.98 -6.53 1.44
CA ASN C 115 9.50 -6.92 0.13
C ASN C 115 10.98 -7.26 0.21
N ALA C 116 11.31 -8.51 -0.12
CA ALA C 116 12.70 -8.95 -0.14
C ALA C 116 13.13 -9.29 -1.57
N PRO C 117 13.61 -8.28 -2.30
CA PRO C 117 14.01 -8.48 -3.70
C PRO C 117 15.39 -9.09 -3.82
N TYR C 118 15.70 -9.66 -4.97
CA TYR C 118 17.02 -10.18 -5.25
C TYR C 118 17.88 -9.09 -5.85
N ASN C 119 18.04 -7.99 -5.11
CA ASN C 119 18.72 -6.80 -5.60
C ASN C 119 20.18 -6.70 -5.15
N LYS C 120 20.57 -7.55 -4.19
CA LYS C 120 21.96 -7.65 -3.80
C LYS C 120 22.60 -8.85 -4.48
N ILE C 121 23.08 -8.64 -5.70
CA ILE C 121 23.63 -9.73 -6.50
C ILE C 121 25.15 -9.75 -6.50
N ASN C 122 25.72 -10.83 -5.98
CA ASN C 122 27.16 -11.02 -5.99
C ASN C 122 27.59 -11.84 -7.20
N GLN C 123 28.67 -11.42 -7.86
CA GLN C 123 29.12 -12.12 -9.05
C GLN C 123 30.58 -12.52 -8.96
N ARG C 124 30.96 -13.50 -9.79
CA ARG C 124 32.33 -14.00 -9.84
C ARG C 124 32.66 -14.47 -11.26
N ILE C 125 33.88 -14.21 -11.69
CA ILE C 125 34.33 -14.62 -13.02
C ILE C 125 35.61 -15.43 -12.94
N LEU C 126 35.54 -16.68 -13.37
CA LEU C 126 36.70 -17.57 -13.30
C LEU C 126 37.03 -18.20 -14.64
N VAL C 127 38.31 -18.19 -15.00
CA VAL C 127 38.79 -18.87 -16.20
C VAL C 127 39.02 -20.35 -15.90
N VAL C 128 38.20 -21.19 -16.50
CA VAL C 128 38.29 -22.63 -16.32
C VAL C 128 39.44 -23.20 -17.16
N ASP C 129 39.54 -22.74 -18.40
CA ASP C 129 40.58 -23.21 -19.31
C ASP C 129 40.94 -22.12 -20.32
N PRO C 130 42.12 -21.50 -20.15
CA PRO C 130 42.57 -20.38 -20.98
C PRO C 130 42.80 -20.77 -22.45
N VAL C 131 43.11 -22.04 -22.69
CA VAL C 131 43.35 -22.53 -24.05
C VAL C 131 42.08 -22.46 -24.88
N THR C 132 40.98 -22.96 -24.33
CA THR C 132 39.70 -22.96 -25.02
C THR C 132 38.87 -21.72 -24.66
N SER C 133 39.46 -20.84 -23.86
CA SER C 133 38.83 -19.59 -23.43
C SER C 133 37.47 -19.83 -22.75
N GLU C 134 37.35 -20.96 -22.05
CA GLU C 134 36.13 -21.29 -21.34
C GLU C 134 36.11 -20.59 -19.98
N HIS C 135 35.00 -19.90 -19.70
CA HIS C 135 34.86 -19.16 -18.45
C HIS C 135 33.71 -19.69 -17.62
N GLU C 136 33.74 -19.38 -16.32
CA GLU C 136 32.67 -19.79 -15.41
C GLU C 136 32.09 -18.57 -14.68
N LEU C 137 30.84 -18.26 -14.97
CA LEU C 137 30.18 -17.10 -14.38
C LEU C 137 29.20 -17.52 -13.30
N THR C 138 29.25 -16.85 -12.15
CA THR C 138 28.39 -17.18 -11.02
C THR C 138 27.66 -15.95 -10.49
N CYS C 139 26.35 -16.07 -10.33
CA CYS C 139 25.55 -15.02 -9.70
C CYS C 139 24.84 -15.57 -8.47
N GLN C 140 24.84 -14.80 -7.39
CA GLN C 140 24.13 -15.22 -6.18
C GLN C 140 23.43 -14.02 -5.52
N ALA C 141 22.26 -14.29 -4.96
CA ALA C 141 21.48 -13.26 -4.28
C ALA C 141 20.46 -13.92 -3.35
N GLU C 142 19.96 -13.15 -2.41
CA GLU C 142 18.97 -13.66 -1.46
C GLU C 142 17.66 -12.90 -1.55
N GLY C 143 16.56 -13.60 -1.29
CA GLY C 143 15.25 -12.99 -1.33
C GLY C 143 14.12 -13.99 -1.16
N TYR C 144 12.90 -13.54 -1.41
CA TYR C 144 11.71 -14.38 -1.27
C TYR C 144 10.60 -13.88 -2.18
N PRO C 145 9.89 -14.80 -2.84
CA PRO C 145 10.04 -16.27 -2.78
C PRO C 145 11.15 -16.81 -3.67
N LYS C 146 11.02 -18.08 -4.06
CA LYS C 146 12.01 -18.73 -4.91
C LYS C 146 12.18 -18.00 -6.24
N ALA C 147 13.40 -17.92 -6.71
CA ALA C 147 13.71 -17.22 -7.95
C ALA C 147 14.48 -18.11 -8.92
N GLU C 148 14.16 -17.97 -10.20
CA GLU C 148 14.91 -18.66 -11.24
C GLU C 148 15.82 -17.67 -11.94
N VAL C 149 16.95 -18.16 -12.45
CA VAL C 149 17.94 -17.30 -13.09
C VAL C 149 17.98 -17.52 -14.60
N ILE C 150 17.82 -16.43 -15.36
CA ILE C 150 17.90 -16.52 -16.81
C ILE C 150 19.22 -15.93 -17.30
N TRP C 151 20.00 -16.75 -18.00
CA TRP C 151 21.25 -16.28 -18.59
C TRP C 151 21.05 -15.88 -20.04
N THR C 152 21.47 -14.66 -20.37
CA THR C 152 21.39 -14.16 -21.73
C THR C 152 22.72 -13.54 -22.17
N SER C 153 23.00 -13.59 -23.46
CA SER C 153 24.17 -12.92 -24.01
C SER C 153 23.81 -11.48 -24.33
N SER C 154 24.78 -10.72 -24.83
CA SER C 154 24.53 -9.36 -25.29
C SER C 154 23.63 -9.39 -26.52
N ASP C 155 23.57 -10.56 -27.17
CA ASP C 155 22.70 -10.81 -28.30
C ASP C 155 21.28 -11.12 -27.84
N HIS C 156 21.12 -11.21 -26.52
CA HIS C 156 19.86 -11.55 -25.86
C HIS C 156 19.38 -12.97 -26.18
N GLN C 157 20.28 -13.80 -26.69
CA GLN C 157 19.97 -15.21 -26.91
C GLN C 157 19.81 -15.89 -25.55
N VAL C 158 18.91 -16.86 -25.47
CA VAL C 158 18.64 -17.54 -24.22
C VAL C 158 19.68 -18.61 -23.93
N LEU C 159 20.36 -18.48 -22.79
CA LEU C 159 21.42 -19.41 -22.40
C LEU C 159 21.00 -20.26 -21.19
N SER C 160 21.50 -21.49 -21.14
CA SER C 160 21.16 -22.40 -20.06
C SER C 160 22.31 -22.59 -19.07
N GLY C 161 22.06 -22.21 -17.82
CA GLY C 161 23.03 -22.42 -16.75
C GLY C 161 22.48 -23.35 -15.69
N LYS C 162 23.33 -23.67 -14.71
CA LYS C 162 22.92 -24.53 -13.60
C LYS C 162 22.63 -23.70 -12.36
N THR C 163 21.38 -23.76 -11.88
CA THR C 163 20.97 -22.96 -10.73
C THR C 163 20.72 -23.80 -9.48
N THR C 164 21.29 -23.35 -8.37
CA THR C 164 21.09 -24.01 -7.08
C THR C 164 20.36 -23.10 -6.10
N THR C 165 19.25 -23.59 -5.55
CA THR C 165 18.46 -22.80 -4.61
C THR C 165 18.40 -23.45 -3.24
N THR C 166 18.87 -22.74 -2.21
CA THR C 166 18.89 -23.26 -0.85
C THR C 166 18.38 -22.23 0.15
N ASN C 167 18.10 -22.69 1.37
CA ASN C 167 17.69 -21.80 2.46
C ASN C 167 18.86 -20.95 2.93
N SER C 168 18.59 -19.67 3.21
CA SER C 168 19.63 -18.77 3.68
C SER C 168 20.03 -19.10 5.12
N LYS C 169 21.34 -19.21 5.35
CA LYS C 169 21.84 -19.53 6.69
C LYS C 169 21.66 -18.34 7.63
N ARG C 170 21.81 -17.14 7.09
CA ARG C 170 21.73 -15.91 7.88
C ARG C 170 20.34 -15.66 8.44
N GLU C 171 19.34 -15.71 7.56
CA GLU C 171 17.97 -15.43 7.98
C GLU C 171 17.01 -16.50 7.48
N GLU C 172 16.14 -16.98 8.38
CA GLU C 172 15.18 -18.02 8.01
C GLU C 172 14.13 -17.52 7.03
N LYS C 173 13.54 -18.47 6.29
CA LYS C 173 12.49 -18.20 5.29
C LYS C 173 13.02 -17.44 4.09
N LEU C 174 14.33 -17.21 4.03
CA LEU C 174 14.94 -16.58 2.84
C LEU C 174 15.66 -17.61 2.00
N PHE C 175 15.50 -17.49 0.68
CA PHE C 175 16.16 -18.40 -0.24
C PHE C 175 17.48 -17.82 -0.76
N ASN C 176 18.53 -18.61 -0.65
CA ASN C 176 19.80 -18.28 -1.27
C ASN C 176 19.87 -18.91 -2.65
N VAL C 177 19.92 -18.08 -3.68
CA VAL C 177 19.89 -18.55 -5.05
C VAL C 177 21.22 -18.30 -5.77
N THR C 178 21.90 -19.38 -6.14
CA THR C 178 23.15 -19.26 -6.88
C THR C 178 23.06 -20.01 -8.21
N SER C 179 23.54 -19.36 -9.27
CA SER C 179 23.51 -19.96 -10.61
C SER C 179 24.89 -19.88 -11.26
N THR C 180 25.27 -20.95 -11.95
CA THR C 180 26.59 -21.02 -12.57
C THR C 180 26.49 -21.38 -14.05
N LEU C 181 27.16 -20.59 -14.89
CA LEU C 181 27.17 -20.82 -16.33
C LEU C 181 28.57 -21.09 -16.87
N ARG C 182 28.74 -22.22 -17.53
CA ARG C 182 30.01 -22.56 -18.19
C ARG C 182 29.90 -22.28 -19.68
N ILE C 183 30.76 -21.41 -20.19
CA ILE C 183 30.67 -20.99 -21.59
C ILE C 183 32.02 -20.52 -22.14
N ASN C 184 32.26 -20.80 -23.41
CA ASN C 184 33.44 -20.29 -24.10
C ASN C 184 33.13 -18.91 -24.69
N THR C 185 33.96 -17.93 -24.36
CA THR C 185 33.70 -16.56 -24.79
C THR C 185 34.97 -15.75 -25.01
N THR C 186 34.84 -14.61 -25.66
CA THR C 186 35.97 -13.74 -25.93
C THR C 186 35.98 -12.54 -24.97
N THR C 187 37.12 -11.85 -24.92
CA THR C 187 37.31 -10.73 -24.00
C THR C 187 36.32 -9.59 -24.23
N ASN C 188 35.85 -9.01 -23.13
CA ASN C 188 35.00 -7.81 -23.14
C ASN C 188 33.59 -8.04 -23.67
N GLU C 189 33.22 -9.29 -23.93
CA GLU C 189 31.85 -9.59 -24.29
C GLU C 189 31.00 -9.59 -23.02
N ILE C 190 29.75 -9.17 -23.12
CA ILE C 190 28.92 -8.99 -21.93
C ILE C 190 27.88 -10.09 -21.75
N PHE C 191 27.76 -10.59 -20.53
CA PHE C 191 26.72 -11.55 -20.18
C PHE C 191 25.81 -11.00 -19.09
N TYR C 192 24.56 -11.45 -19.07
CA TYR C 192 23.60 -10.99 -18.08
C TYR C 192 22.95 -12.14 -17.33
N CYS C 193 22.91 -12.04 -16.01
CA CYS C 193 22.14 -12.97 -15.20
C CYS C 193 20.93 -12.26 -14.62
N THR C 194 19.74 -12.73 -15.00
CA THR C 194 18.50 -12.12 -14.57
C THR C 194 17.78 -12.99 -13.54
N PHE C 195 17.56 -12.44 -12.36
CA PHE C 195 16.80 -13.14 -11.33
C PHE C 195 15.31 -12.89 -11.48
N ARG C 196 14.60 -13.86 -12.05
CA ARG C 196 13.15 -13.77 -12.12
C ARG C 196 12.53 -14.36 -10.86
N ARG C 197 11.74 -13.55 -10.17
CA ARG C 197 11.12 -13.96 -8.91
C ARG C 197 9.68 -14.41 -9.13
N LEU C 198 9.15 -15.20 -8.21
CA LEU C 198 7.76 -15.61 -8.25
C LEU C 198 6.87 -14.60 -7.54
N ASP C 199 5.56 -14.72 -7.77
CA ASP C 199 4.58 -13.85 -7.12
C ASP C 199 4.66 -13.97 -5.60
N PRO C 200 4.91 -12.85 -4.90
CA PRO C 200 4.91 -12.86 -3.44
C PRO C 200 3.53 -12.93 -2.83
N GLU C 201 2.54 -13.29 -3.64
CA GLU C 201 1.18 -13.45 -3.16
C GLU C 201 0.69 -14.88 -3.39
N GLU C 202 -0.27 -15.31 -2.57
CA GLU C 202 -0.76 -16.67 -2.62
C GLU C 202 -1.33 -17.03 -4.00
N ASN C 203 -1.04 -18.24 -4.46
CA ASN C 203 -1.52 -18.71 -5.76
C ASN C 203 -2.99 -19.09 -5.69
N HIS C 204 -3.66 -19.04 -6.84
CA HIS C 204 -5.07 -19.39 -6.92
C HIS C 204 -5.24 -20.78 -7.52
N THR C 205 -6.09 -21.60 -6.89
CA THR C 205 -6.28 -22.97 -7.29
C THR C 205 -7.77 -23.30 -7.46
N ALA C 206 -8.09 -24.01 -8.53
CA ALA C 206 -9.45 -24.50 -8.74
C ALA C 206 -9.49 -26.03 -8.62
N GLU C 207 -10.56 -26.54 -8.02
CA GLU C 207 -10.73 -27.97 -7.88
C GLU C 207 -11.65 -28.52 -8.96
N LEU C 208 -11.20 -29.56 -9.66
CA LEU C 208 -11.99 -30.16 -10.72
C LEU C 208 -12.34 -31.61 -10.38
N VAL C 209 -13.63 -31.91 -10.35
CA VAL C 209 -14.10 -33.25 -10.03
C VAL C 209 -14.76 -33.91 -11.24
N ILE C 210 -14.21 -35.04 -11.66
CA ILE C 210 -14.71 -35.76 -12.82
C ILE C 210 -16.13 -36.27 -12.60
N PRO C 211 -17.07 -35.86 -13.46
CA PRO C 211 -18.48 -36.27 -13.37
C PRO C 211 -18.75 -37.60 -14.06
N GLU C 212 -19.99 -38.07 -13.98
CA GLU C 212 -20.39 -39.32 -14.63
C GLU C 212 -20.39 -39.19 -16.14
N LEU C 213 -20.07 -40.29 -16.82
CA LEU C 213 -20.08 -40.32 -18.28
C LEU C 213 -21.51 -40.28 -18.81
N PRO C 214 -21.82 -39.26 -19.63
CA PRO C 214 -23.17 -39.07 -20.17
C PRO C 214 -23.57 -40.15 -21.16
N LEU C 215 -24.87 -40.24 -21.45
CA LEU C 215 -25.38 -41.23 -22.39
C LEU C 215 -25.21 -40.78 -23.84
N ALA D 2 5.12 27.41 4.23
CA ALA D 2 4.03 28.00 3.46
C ALA D 2 2.86 27.04 3.33
N PHE D 3 1.97 27.31 2.38
CA PHE D 3 0.83 26.45 2.13
C PHE D 3 1.30 25.09 1.63
N THR D 4 0.98 24.03 2.38
CA THR D 4 1.43 22.70 2.04
C THR D 4 0.28 21.71 1.95
N VAL D 5 0.23 20.97 0.83
CA VAL D 5 -0.69 19.86 0.69
C VAL D 5 -0.01 18.60 1.24
N THR D 6 -0.75 17.83 2.04
CA THR D 6 -0.18 16.60 2.59
C THR D 6 -1.00 15.38 2.20
N VAL D 7 -0.33 14.24 2.09
CA VAL D 7 -0.99 13.00 1.72
C VAL D 7 -0.85 11.94 2.82
N PRO D 8 -1.99 11.43 3.32
CA PRO D 8 -1.99 10.38 4.34
C PRO D 8 -1.31 9.11 3.83
N LYS D 9 -1.72 8.64 2.65
CA LYS D 9 -1.11 7.46 2.04
C LYS D 9 -0.46 7.82 0.71
N ASP D 10 0.83 7.54 0.60
CA ASP D 10 1.56 7.76 -0.65
C ASP D 10 1.31 6.62 -1.63
N LEU D 11 0.79 5.52 -1.11
CA LEU D 11 0.59 4.31 -1.91
C LEU D 11 -0.72 3.60 -1.60
N TYR D 12 -1.47 3.30 -2.65
CA TYR D 12 -2.71 2.53 -2.53
C TYR D 12 -2.62 1.25 -3.35
N VAL D 13 -3.02 0.14 -2.76
CA VAL D 13 -3.10 -1.13 -3.48
C VAL D 13 -4.56 -1.53 -3.62
N VAL D 14 -5.05 -1.55 -4.87
CA VAL D 14 -6.45 -1.82 -5.12
C VAL D 14 -6.65 -3.07 -5.96
N GLU D 15 -7.71 -3.80 -5.68
CA GLU D 15 -8.04 -5.00 -6.44
C GLU D 15 -8.79 -4.64 -7.71
N TYR D 16 -8.42 -5.30 -8.80
CA TYR D 16 -9.02 -5.06 -10.11
C TYR D 16 -10.53 -5.22 -10.07
N GLY D 17 -11.24 -4.21 -10.58
CA GLY D 17 -12.69 -4.26 -10.64
C GLY D 17 -13.35 -3.60 -9.44
N SER D 18 -12.57 -3.30 -8.41
CA SER D 18 -13.10 -2.67 -7.21
C SER D 18 -13.06 -1.14 -7.32
N ASN D 19 -13.49 -0.48 -6.26
CA ASN D 19 -13.49 0.99 -6.24
C ASN D 19 -12.35 1.53 -5.38
N MET D 20 -11.79 2.65 -5.81
CA MET D 20 -10.64 3.26 -5.15
C MET D 20 -10.94 4.68 -4.71
N THR D 21 -10.51 5.04 -3.50
CA THR D 21 -10.64 6.42 -3.03
C THR D 21 -9.31 6.93 -2.50
N ILE D 22 -8.68 7.83 -3.25
CA ILE D 22 -7.41 8.43 -2.83
C ILE D 22 -7.61 9.86 -2.36
N GLU D 23 -6.86 10.26 -1.33
CA GLU D 23 -7.11 11.51 -0.64
C GLU D 23 -5.90 12.44 -0.57
N CYS D 24 -6.18 13.74 -0.64
CA CYS D 24 -5.16 14.76 -0.41
C CYS D 24 -5.68 15.79 0.59
N LYS D 25 -4.91 16.02 1.65
CA LYS D 25 -5.33 16.91 2.72
C LYS D 25 -4.68 18.29 2.57
N PHE D 26 -5.42 19.33 2.96
CA PHE D 26 -4.91 20.70 2.91
C PHE D 26 -5.56 21.55 4.00
N PRO D 27 -4.80 22.50 4.56
CA PRO D 27 -5.26 23.32 5.69
C PRO D 27 -6.52 24.13 5.39
N VAL D 28 -7.53 23.98 6.24
CA VAL D 28 -8.75 24.78 6.13
C VAL D 28 -9.14 25.36 7.49
N GLU D 29 -9.12 26.68 7.59
CA GLU D 29 -9.55 27.36 8.81
C GLU D 29 -10.90 28.02 8.60
N LYS D 30 -11.77 27.90 9.60
CA LYS D 30 -13.13 28.45 9.55
C LYS D 30 -13.91 27.93 8.34
N GLN D 31 -14.78 28.77 7.81
CA GLN D 31 -15.65 28.37 6.71
C GLN D 31 -14.87 28.23 5.40
N LEU D 32 -15.28 27.27 4.58
CA LEU D 32 -14.62 27.02 3.30
C LEU D 32 -15.06 28.04 2.25
N ASP D 33 -14.09 28.64 1.57
CA ASP D 33 -14.37 29.61 0.53
C ASP D 33 -14.21 28.98 -0.86
N LEU D 34 -15.34 28.53 -1.41
CA LEU D 34 -15.35 27.80 -2.67
C LEU D 34 -14.83 28.61 -3.85
N ALA D 35 -15.01 29.93 -3.79
CA ALA D 35 -14.66 30.82 -4.89
C ALA D 35 -13.15 30.89 -5.13
N ALA D 36 -12.37 30.69 -4.07
CA ALA D 36 -10.92 30.79 -4.16
C ALA D 36 -10.26 29.41 -4.15
N LEU D 37 -11.08 28.37 -4.09
CA LEU D 37 -10.58 27.00 -4.02
C LEU D 37 -10.40 26.38 -5.40
N ILE D 38 -9.27 25.71 -5.59
CA ILE D 38 -9.00 24.96 -6.82
C ILE D 38 -8.53 23.54 -6.49
N VAL D 39 -9.16 22.55 -7.08
CA VAL D 39 -8.76 21.15 -6.88
C VAL D 39 -8.48 20.49 -8.21
N TYR D 40 -7.27 19.94 -8.36
CA TYR D 40 -6.83 19.39 -9.64
C TYR D 40 -6.26 17.98 -9.50
N TRP D 41 -6.79 17.05 -10.29
CA TRP D 41 -6.32 15.68 -10.29
C TRP D 41 -5.86 15.23 -11.66
N GLU D 42 -4.67 14.61 -11.74
CA GLU D 42 -4.13 14.15 -13.01
C GLU D 42 -3.35 12.85 -12.89
N MET D 43 -3.15 12.19 -14.02
CA MET D 43 -2.31 11.00 -14.10
C MET D 43 -1.80 10.84 -15.53
N GLU D 44 -0.48 10.80 -15.69
CA GLU D 44 0.15 10.65 -17.01
C GLU D 44 -0.35 11.73 -17.97
N ASP D 45 -0.36 12.97 -17.50
CA ASP D 45 -0.75 14.13 -18.29
C ASP D 45 -2.20 14.06 -18.77
N LYS D 46 -2.99 13.21 -18.13
CA LYS D 46 -4.41 13.09 -18.45
C LYS D 46 -5.25 13.71 -17.34
N ASN D 47 -6.14 14.61 -17.72
CA ASN D 47 -6.98 15.30 -16.73
C ASN D 47 -8.03 14.37 -16.14
N ILE D 48 -8.14 14.37 -14.83
CA ILE D 48 -9.12 13.54 -14.13
C ILE D 48 -10.23 14.41 -13.54
N ILE D 49 -9.84 15.33 -12.67
CA ILE D 49 -10.79 16.23 -12.03
C ILE D 49 -10.27 17.66 -11.99
N GLN D 50 -11.07 18.58 -12.54
CA GLN D 50 -10.75 20.00 -12.48
C GLN D 50 -11.88 20.78 -11.81
N PHE D 51 -11.62 21.28 -10.61
CA PHE D 51 -12.64 21.94 -9.81
C PHE D 51 -12.31 23.43 -9.64
N VAL D 52 -13.09 24.28 -10.31
CA VAL D 52 -12.83 25.72 -10.28
C VAL D 52 -14.10 26.51 -10.04
N HIS D 53 -13.99 27.59 -9.27
CA HIS D 53 -15.11 28.49 -8.98
C HIS D 53 -16.25 27.77 -8.28
N GLY D 54 -15.91 26.85 -7.38
CA GLY D 54 -16.88 26.14 -6.58
C GLY D 54 -17.70 25.12 -7.35
N GLU D 55 -17.34 24.87 -8.60
CA GLU D 55 -18.05 23.90 -9.42
C GLU D 55 -17.07 23.02 -10.20
N GLU D 56 -17.50 21.81 -10.53
CA GLU D 56 -16.66 20.89 -11.29
C GLU D 56 -16.74 21.19 -12.78
N ASP D 57 -15.59 21.40 -13.40
CA ASP D 57 -15.51 21.62 -14.84
C ASP D 57 -15.31 20.29 -15.56
N LEU D 58 -16.36 19.81 -16.21
CA LEU D 58 -16.32 18.50 -16.87
C LEU D 58 -15.93 18.61 -18.34
N LYS D 59 -15.79 19.84 -18.85
CA LYS D 59 -15.47 20.03 -20.26
C LYS D 59 -14.05 19.57 -20.56
N VAL D 60 -13.16 19.74 -19.61
CA VAL D 60 -11.75 19.43 -19.78
C VAL D 60 -11.44 17.99 -19.35
N GLN D 61 -12.41 17.34 -18.70
CA GLN D 61 -12.23 15.97 -18.24
C GLN D 61 -12.02 14.98 -19.39
N HIS D 62 -11.05 14.09 -19.22
CA HIS D 62 -10.76 13.04 -20.20
C HIS D 62 -11.97 12.12 -20.37
N SER D 63 -12.24 11.73 -21.60
CA SER D 63 -13.34 10.81 -21.90
C SER D 63 -13.20 9.48 -21.16
N SER D 64 -11.96 9.11 -20.85
CA SER D 64 -11.69 7.87 -20.12
C SER D 64 -12.27 7.90 -18.72
N TYR D 65 -12.49 9.10 -18.19
CA TYR D 65 -13.03 9.26 -16.85
C TYR D 65 -14.45 9.84 -16.87
N ARG D 66 -15.08 9.81 -18.04
CA ARG D 66 -16.41 10.39 -18.22
C ARG D 66 -17.43 9.86 -17.20
N GLN D 67 -17.57 8.53 -17.12
CA GLN D 67 -18.54 7.95 -16.21
C GLN D 67 -17.87 7.12 -15.12
N ARG D 68 -16.63 7.46 -14.81
CA ARG D 68 -15.83 6.67 -13.88
C ARG D 68 -15.26 7.48 -12.71
N ALA D 69 -15.19 8.79 -12.88
CA ALA D 69 -14.51 9.64 -11.91
C ALA D 69 -15.40 10.76 -11.36
N ARG D 70 -15.26 11.01 -10.06
CA ARG D 70 -15.97 12.11 -9.42
C ARG D 70 -15.25 12.54 -8.15
N LEU D 71 -15.42 13.80 -7.76
CA LEU D 71 -14.79 14.34 -6.57
C LEU D 71 -15.81 14.49 -5.45
N LEU D 72 -15.47 13.99 -4.26
CA LEU D 72 -16.36 14.05 -3.11
C LEU D 72 -16.43 15.47 -2.55
N LYS D 73 -17.52 16.17 -2.86
CA LYS D 73 -17.70 17.55 -2.43
C LYS D 73 -17.76 17.70 -0.92
N ASP D 74 -18.48 16.79 -0.27
CA ASP D 74 -18.72 16.86 1.18
C ASP D 74 -17.43 16.86 1.98
N GLN D 75 -16.44 16.12 1.50
CA GLN D 75 -15.16 15.99 2.19
C GLN D 75 -14.30 17.25 2.10
N LEU D 76 -14.58 18.09 1.12
CA LEU D 76 -13.80 19.32 0.91
C LEU D 76 -13.89 20.27 2.10
N SER D 77 -15.07 20.34 2.70
CA SER D 77 -15.29 21.21 3.86
C SER D 77 -14.40 20.80 5.04
N LEU D 78 -14.09 19.52 5.11
CA LEU D 78 -13.24 18.99 6.17
C LEU D 78 -11.77 19.17 5.85
N GLY D 79 -11.49 19.68 4.65
CA GLY D 79 -10.12 19.88 4.22
C GLY D 79 -9.54 18.66 3.54
N ASN D 80 -10.42 17.82 3.01
CA ASN D 80 -10.02 16.58 2.37
C ASN D 80 -10.46 16.51 0.90
N ALA D 81 -9.50 16.57 -0.01
CA ALA D 81 -9.78 16.41 -1.42
C ALA D 81 -9.71 14.92 -1.80
N ALA D 82 -10.86 14.27 -1.83
CA ALA D 82 -10.91 12.83 -2.06
C ALA D 82 -11.42 12.49 -3.46
N LEU D 83 -10.55 11.88 -4.27
CA LEU D 83 -10.93 11.43 -5.60
C LEU D 83 -11.40 9.98 -5.57
N GLN D 84 -12.59 9.74 -6.10
CA GLN D 84 -13.14 8.40 -6.17
C GLN D 84 -13.21 7.90 -7.61
N ILE D 85 -12.60 6.76 -7.88
CA ILE D 85 -12.65 6.15 -9.19
C ILE D 85 -13.30 4.76 -9.12
N THR D 86 -14.35 4.56 -9.91
CA THR D 86 -15.09 3.31 -9.91
C THR D 86 -14.62 2.37 -11.02
N ASP D 87 -14.73 1.07 -10.76
CA ASP D 87 -14.36 0.03 -11.71
C ASP D 87 -12.90 0.20 -12.18
N VAL D 88 -11.98 0.07 -11.23
CA VAL D 88 -10.56 0.28 -11.51
C VAL D 88 -10.00 -0.75 -12.48
N LYS D 89 -9.36 -0.27 -13.54
CA LYS D 89 -8.69 -1.14 -14.50
C LYS D 89 -7.17 -1.03 -14.33
N LEU D 90 -6.43 -1.83 -15.10
CA LEU D 90 -4.97 -1.86 -14.97
C LEU D 90 -4.35 -0.58 -15.51
N GLN D 91 -5.07 0.10 -16.40
CA GLN D 91 -4.60 1.35 -16.97
C GLN D 91 -4.63 2.48 -15.95
N ASP D 92 -5.31 2.24 -14.83
CA ASP D 92 -5.40 3.23 -13.75
C ASP D 92 -4.21 3.13 -12.81
N ALA D 93 -3.37 2.11 -13.01
CA ALA D 93 -2.16 1.96 -12.22
C ALA D 93 -1.12 2.98 -12.67
N GLY D 94 -0.52 3.67 -11.70
CA GLY D 94 0.49 4.67 -12.01
C GLY D 94 0.59 5.74 -10.96
N VAL D 95 1.22 6.87 -11.30
CA VAL D 95 1.42 7.95 -10.36
C VAL D 95 0.38 9.06 -10.54
N TYR D 96 -0.43 9.26 -9.51
CA TYR D 96 -1.43 10.32 -9.52
C TYR D 96 -0.85 11.57 -8.88
N ARG D 97 -1.41 12.72 -9.24
CA ARG D 97 -0.93 14.00 -8.72
C ARG D 97 -2.11 14.91 -8.40
N CYS D 98 -2.18 15.39 -7.17
CA CYS D 98 -3.23 16.31 -6.75
C CYS D 98 -2.67 17.71 -6.58
N MET D 99 -3.45 18.71 -7.01
CA MET D 99 -3.05 20.11 -6.85
C MET D 99 -4.15 20.90 -6.18
N ILE D 100 -3.81 21.61 -5.12
CA ILE D 100 -4.78 22.42 -4.39
C ILE D 100 -4.35 23.88 -4.32
N SER D 101 -5.25 24.78 -4.71
CA SER D 101 -5.00 26.21 -4.60
C SER D 101 -6.03 26.87 -3.70
N TYR D 102 -5.59 27.40 -2.57
CA TYR D 102 -6.49 28.01 -1.60
C TYR D 102 -5.72 28.96 -0.68
N GLY D 103 -5.53 30.20 -1.13
CA GLY D 103 -4.69 31.14 -0.42
C GLY D 103 -3.25 30.68 -0.47
N GLY D 104 -2.85 30.19 -1.64
CA GLY D 104 -1.56 29.55 -1.82
C GLY D 104 -1.75 28.30 -2.63
N ALA D 105 -0.66 27.66 -3.04
CA ALA D 105 -0.75 26.48 -3.89
C ALA D 105 0.37 25.48 -3.63
N ASP D 106 0.03 24.20 -3.71
CA ASP D 106 1.01 23.13 -3.56
C ASP D 106 0.46 21.87 -4.21
N TYR D 107 1.31 20.86 -4.40
CA TYR D 107 0.89 19.62 -5.01
C TYR D 107 1.61 18.42 -4.40
N LYS D 108 0.98 17.26 -4.47
CA LYS D 108 1.59 16.03 -3.96
C LYS D 108 1.34 14.86 -4.90
N ARG D 109 2.15 13.81 -4.77
CA ARG D 109 2.04 12.64 -5.63
C ARG D 109 1.56 11.42 -4.88
N ILE D 110 0.64 10.67 -5.49
CA ILE D 110 0.13 9.42 -4.92
C ILE D 110 0.29 8.28 -5.92
N THR D 111 1.01 7.24 -5.51
CA THR D 111 1.22 6.08 -6.36
C THR D 111 0.11 5.05 -6.16
N VAL D 112 -0.47 4.58 -7.27
CA VAL D 112 -1.51 3.56 -7.21
C VAL D 112 -1.08 2.31 -7.96
N LYS D 113 -1.04 1.19 -7.26
CA LYS D 113 -0.73 -0.09 -7.86
C LYS D 113 -1.99 -0.93 -7.96
N VAL D 114 -2.21 -1.54 -9.12
CA VAL D 114 -3.38 -2.39 -9.33
C VAL D 114 -2.97 -3.86 -9.48
N ASN D 115 -3.55 -4.71 -8.64
CA ASN D 115 -3.30 -6.14 -8.71
C ASN D 115 -4.49 -6.87 -9.33
N ALA D 116 -4.26 -7.52 -10.46
CA ALA D 116 -5.30 -8.31 -11.11
C ALA D 116 -4.98 -9.80 -11.02
N PRO D 117 -5.52 -10.46 -9.98
CA PRO D 117 -5.23 -11.87 -9.71
C PRO D 117 -6.01 -12.81 -10.62
N TYR D 118 -5.55 -14.06 -10.71
CA TYR D 118 -6.25 -15.09 -11.45
C TYR D 118 -7.24 -15.80 -10.53
N ASN D 119 -8.12 -15.02 -9.91
CA ASN D 119 -9.07 -15.55 -8.93
C ASN D 119 -10.40 -15.92 -9.56
N LYS D 120 -10.63 -15.48 -10.79
CA LYS D 120 -11.82 -15.87 -11.53
C LYS D 120 -11.46 -16.99 -12.51
N ILE D 121 -11.47 -18.22 -12.01
CA ILE D 121 -11.07 -19.37 -12.80
C ILE D 121 -12.25 -20.12 -13.39
N ASN D 122 -12.31 -20.19 -14.71
CA ASN D 122 -13.31 -20.98 -15.40
C ASN D 122 -12.75 -22.36 -15.72
N GLN D 123 -13.55 -23.40 -15.49
CA GLN D 123 -13.11 -24.77 -15.75
C GLN D 123 -14.05 -25.54 -16.67
N ARG D 124 -13.50 -26.54 -17.33
CA ARG D 124 -14.29 -27.41 -18.21
C ARG D 124 -13.71 -28.83 -18.16
N ILE D 125 -14.59 -29.83 -18.23
CA ILE D 125 -14.16 -31.21 -18.26
C ILE D 125 -14.80 -31.94 -19.44
N LEU D 126 -13.96 -32.42 -20.35
CA LEU D 126 -14.44 -33.12 -21.53
C LEU D 126 -13.99 -34.58 -21.54
N VAL D 127 -14.91 -35.47 -21.88
CA VAL D 127 -14.56 -36.87 -22.09
C VAL D 127 -14.04 -37.04 -23.51
N VAL D 128 -12.75 -37.36 -23.63
CA VAL D 128 -12.11 -37.54 -24.91
C VAL D 128 -12.44 -38.92 -25.48
N ASP D 129 -12.37 -39.93 -24.64
CA ASP D 129 -12.62 -41.30 -25.06
C ASP D 129 -13.16 -42.11 -23.87
N PRO D 130 -14.43 -42.51 -23.95
CA PRO D 130 -15.09 -43.25 -22.85
C PRO D 130 -14.49 -44.64 -22.62
N VAL D 131 -13.94 -45.25 -23.66
CA VAL D 131 -13.37 -46.58 -23.55
C VAL D 131 -12.14 -46.60 -22.65
N THR D 132 -11.20 -45.69 -22.93
CA THR D 132 -9.97 -45.61 -22.14
C THR D 132 -10.12 -44.64 -20.98
N SER D 133 -11.34 -44.11 -20.81
CA SER D 133 -11.66 -43.15 -19.75
C SER D 133 -10.72 -41.95 -19.78
N GLU D 134 -10.28 -41.56 -20.98
CA GLU D 134 -9.42 -40.40 -21.13
C GLU D 134 -10.22 -39.11 -21.07
N HIS D 135 -9.83 -38.21 -20.19
CA HIS D 135 -10.53 -36.94 -20.03
C HIS D 135 -9.64 -35.76 -20.38
N GLU D 136 -10.26 -34.62 -20.66
CA GLU D 136 -9.54 -33.39 -20.96
C GLU D 136 -9.92 -32.28 -19.99
N LEU D 137 -9.00 -31.90 -19.12
CA LEU D 137 -9.25 -30.87 -18.12
C LEU D 137 -8.72 -29.52 -18.58
N THR D 138 -9.58 -28.51 -18.50
CA THR D 138 -9.21 -27.16 -18.95
C THR D 138 -9.50 -26.10 -17.89
N CYS D 139 -8.48 -25.30 -17.59
CA CYS D 139 -8.64 -24.15 -16.71
C CYS D 139 -8.29 -22.87 -17.46
N GLN D 140 -9.08 -21.83 -17.27
CA GLN D 140 -8.78 -20.54 -17.88
C GLN D 140 -9.07 -19.40 -16.91
N ALA D 141 -8.23 -18.38 -16.95
CA ALA D 141 -8.38 -17.21 -16.11
C ALA D 141 -7.61 -16.04 -16.70
N GLU D 142 -7.92 -14.83 -16.26
CA GLU D 142 -7.26 -13.64 -16.77
C GLU D 142 -6.56 -12.87 -15.67
N GLY D 143 -5.43 -12.25 -16.00
CA GLY D 143 -4.68 -11.47 -15.04
C GLY D 143 -3.40 -10.90 -15.62
N TYR D 144 -2.58 -10.30 -14.76
CA TYR D 144 -1.33 -9.70 -15.17
C TYR D 144 -0.34 -9.70 -14.01
N PRO D 145 0.92 -10.09 -14.28
CA PRO D 145 1.43 -10.51 -15.59
C PRO D 145 1.14 -11.96 -15.93
N LYS D 146 1.92 -12.53 -16.84
CA LYS D 146 1.72 -13.91 -17.27
C LYS D 146 1.85 -14.89 -16.12
N ALA D 147 0.99 -15.90 -16.10
CA ALA D 147 1.04 -16.91 -15.05
C ALA D 147 1.14 -18.30 -15.66
N GLU D 148 1.79 -19.21 -14.93
CA GLU D 148 1.88 -20.60 -15.34
C GLU D 148 0.85 -21.42 -14.58
N VAL D 149 0.37 -22.49 -15.21
CA VAL D 149 -0.60 -23.36 -14.57
C VAL D 149 0.04 -24.68 -14.17
N ILE D 150 -0.09 -25.05 -12.90
CA ILE D 150 0.44 -26.31 -12.41
C ILE D 150 -0.68 -27.31 -12.14
N TRP D 151 -0.64 -28.44 -12.83
CA TRP D 151 -1.63 -29.49 -12.62
C TRP D 151 -1.14 -30.51 -11.61
N THR D 152 -1.94 -30.74 -10.58
CA THR D 152 -1.62 -31.74 -9.56
C THR D 152 -2.80 -32.68 -9.33
N SER D 153 -2.48 -33.90 -8.91
CA SER D 153 -3.52 -34.88 -8.59
C SER D 153 -3.95 -34.72 -7.13
N SER D 154 -4.91 -35.54 -6.70
CA SER D 154 -5.34 -35.53 -5.31
C SER D 154 -4.24 -36.05 -4.40
N ASP D 155 -3.28 -36.76 -4.99
CA ASP D 155 -2.10 -37.24 -4.29
C ASP D 155 -1.06 -36.12 -4.17
N HIS D 156 -1.39 -34.97 -4.76
CA HIS D 156 -0.54 -33.78 -4.78
C HIS D 156 0.71 -33.96 -5.64
N GLN D 157 0.72 -35.02 -6.44
CA GLN D 157 1.82 -35.23 -7.38
C GLN D 157 1.67 -34.27 -8.56
N VAL D 158 2.80 -33.83 -9.12
CA VAL D 158 2.77 -32.85 -10.22
C VAL D 158 2.49 -33.51 -11.56
N LEU D 159 1.50 -32.99 -12.29
CA LEU D 159 1.15 -33.51 -13.60
C LEU D 159 1.53 -32.51 -14.71
N SER D 160 1.71 -33.02 -15.92
CA SER D 160 2.17 -32.20 -17.04
C SER D 160 1.06 -31.87 -18.03
N GLY D 161 0.77 -30.58 -18.16
CA GLY D 161 -0.24 -30.12 -19.11
C GLY D 161 0.32 -29.11 -20.10
N LYS D 162 -0.51 -28.67 -21.03
CA LYS D 162 -0.10 -27.68 -22.02
C LYS D 162 -0.79 -26.34 -21.78
N THR D 163 0.00 -25.29 -21.64
CA THR D 163 -0.55 -23.96 -21.32
C THR D 163 -0.36 -22.98 -22.48
N THR D 164 -1.43 -22.27 -22.81
CA THR D 164 -1.38 -21.25 -23.86
C THR D 164 -1.70 -19.88 -23.27
N THR D 165 -0.83 -18.90 -23.52
CA THR D 165 -0.99 -17.57 -22.96
C THR D 165 -1.12 -16.49 -24.04
N THR D 166 -2.23 -15.76 -24.01
CA THR D 166 -2.47 -14.69 -24.97
C THR D 166 -3.02 -13.44 -24.29
N ASN D 167 -3.03 -12.33 -25.02
CA ASN D 167 -3.64 -11.10 -24.52
C ASN D 167 -5.16 -11.24 -24.48
N SER D 168 -5.76 -10.76 -23.40
CA SER D 168 -7.21 -10.82 -23.26
C SER D 168 -7.89 -9.85 -24.21
N LYS D 169 -8.90 -10.34 -24.92
CA LYS D 169 -9.68 -9.48 -25.80
C LYS D 169 -10.62 -8.60 -24.98
N ARG D 170 -11.09 -9.15 -23.86
CA ARG D 170 -12.02 -8.45 -23.00
C ARG D 170 -11.37 -7.25 -22.33
N GLU D 171 -10.16 -7.45 -21.80
CA GLU D 171 -9.45 -6.37 -21.13
C GLU D 171 -8.07 -6.16 -21.73
N GLU D 172 -7.69 -4.91 -21.89
CA GLU D 172 -6.52 -4.52 -22.66
C GLU D 172 -5.20 -5.13 -22.18
N LYS D 173 -4.79 -4.77 -20.98
CA LYS D 173 -3.45 -5.11 -20.50
C LYS D 173 -3.38 -6.52 -19.90
N LEU D 174 -4.54 -7.15 -19.71
CA LEU D 174 -4.62 -8.45 -19.05
C LEU D 174 -4.27 -9.60 -19.98
N PHE D 175 -3.67 -10.64 -19.43
CA PHE D 175 -3.36 -11.85 -20.18
C PHE D 175 -4.43 -12.92 -19.99
N ASN D 176 -4.89 -13.52 -21.08
CA ASN D 176 -5.77 -14.68 -21.01
C ASN D 176 -4.94 -15.95 -20.95
N VAL D 177 -5.02 -16.66 -19.83
CA VAL D 177 -4.24 -17.88 -19.66
C VAL D 177 -5.13 -19.12 -19.61
N THR D 178 -4.97 -20.00 -20.59
CA THR D 178 -5.72 -21.24 -20.64
C THR D 178 -4.79 -22.45 -20.68
N SER D 179 -5.05 -23.43 -19.83
CA SER D 179 -4.24 -24.65 -19.79
C SER D 179 -5.10 -25.89 -19.96
N THR D 180 -4.58 -26.87 -20.70
CA THR D 180 -5.32 -28.09 -20.99
C THR D 180 -4.54 -29.34 -20.56
N LEU D 181 -5.20 -30.19 -19.77
CA LEU D 181 -4.57 -31.42 -19.29
C LEU D 181 -5.26 -32.66 -19.86
N ARG D 182 -4.48 -33.49 -20.56
CA ARG D 182 -4.97 -34.76 -21.07
C ARG D 182 -4.60 -35.88 -20.10
N ILE D 183 -5.59 -36.58 -19.58
CA ILE D 183 -5.34 -37.63 -18.60
C ILE D 183 -6.45 -38.68 -18.58
N ASN D 184 -6.07 -39.93 -18.39
CA ASN D 184 -7.03 -41.01 -18.19
C ASN D 184 -7.42 -41.08 -16.71
N THR D 185 -8.70 -40.87 -16.42
CA THR D 185 -9.14 -40.81 -15.04
C THR D 185 -10.60 -41.28 -14.90
N THR D 186 -11.00 -41.57 -13.67
CA THR D 186 -12.32 -42.10 -13.40
C THR D 186 -13.21 -41.08 -12.68
N THR D 187 -14.50 -41.39 -12.60
CA THR D 187 -15.48 -40.50 -11.97
C THR D 187 -15.14 -40.22 -10.51
N ASN D 188 -15.37 -38.97 -10.09
CA ASN D 188 -15.16 -38.50 -8.72
C ASN D 188 -13.69 -38.42 -8.32
N GLU D 189 -12.80 -38.68 -9.27
CA GLU D 189 -11.39 -38.43 -9.05
C GLU D 189 -11.17 -36.92 -9.10
N ILE D 190 -10.22 -36.44 -8.31
CA ILE D 190 -10.06 -35.00 -8.13
C ILE D 190 -8.70 -34.49 -8.60
N PHE D 191 -8.72 -33.40 -9.36
CA PHE D 191 -7.51 -32.78 -9.85
C PHE D 191 -7.52 -31.29 -9.55
N TYR D 192 -6.33 -30.71 -9.45
CA TYR D 192 -6.18 -29.29 -9.15
C TYR D 192 -5.39 -28.57 -10.23
N CYS D 193 -5.85 -27.38 -10.62
CA CYS D 193 -5.05 -26.50 -11.47
C CYS D 193 -4.67 -25.26 -10.69
N THR D 194 -3.37 -25.06 -10.50
CA THR D 194 -2.88 -23.94 -9.72
C THR D 194 -2.23 -22.89 -10.62
N PHE D 195 -2.76 -21.67 -10.58
CA PHE D 195 -2.20 -20.57 -11.36
C PHE D 195 -1.05 -19.90 -10.61
N ARG D 196 0.18 -20.19 -11.03
CA ARG D 196 1.35 -19.56 -10.43
C ARG D 196 1.79 -18.35 -11.25
N ARG D 197 1.83 -17.19 -10.61
CA ARG D 197 2.09 -15.94 -11.31
C ARG D 197 3.52 -15.44 -11.11
N LEU D 198 3.95 -14.54 -11.98
CA LEU D 198 5.29 -13.98 -11.90
C LEU D 198 5.32 -12.66 -11.14
N ASP D 199 6.52 -12.23 -10.75
CA ASP D 199 6.73 -10.96 -10.07
C ASP D 199 6.30 -9.79 -10.97
N PRO D 200 5.33 -8.99 -10.50
CA PRO D 200 4.90 -7.82 -11.27
C PRO D 200 5.91 -6.68 -11.18
N GLU D 201 6.72 -6.68 -10.12
CA GLU D 201 7.78 -5.69 -9.96
C GLU D 201 8.97 -6.08 -10.83
N GLU D 202 9.69 -5.08 -11.31
CA GLU D 202 10.83 -5.30 -12.21
C GLU D 202 11.87 -6.23 -11.60
N ASN D 203 12.30 -7.23 -12.38
CA ASN D 203 13.31 -8.18 -11.93
C ASN D 203 14.69 -7.52 -11.91
N HIS D 204 15.58 -8.06 -11.09
CA HIS D 204 16.92 -7.50 -10.96
C HIS D 204 17.94 -8.28 -11.77
N THR D 205 18.75 -7.55 -12.52
CA THR D 205 19.73 -8.16 -13.42
C THR D 205 21.13 -7.61 -13.13
N ALA D 206 22.11 -8.50 -13.13
CA ALA D 206 23.50 -8.11 -12.95
C ALA D 206 24.27 -8.24 -14.26
N GLU D 207 25.16 -7.29 -14.52
CA GLU D 207 25.97 -7.33 -15.73
C GLU D 207 27.36 -7.89 -15.44
N LEU D 208 27.75 -8.92 -16.20
CA LEU D 208 29.06 -9.53 -16.05
C LEU D 208 29.91 -9.28 -17.29
N VAL D 209 31.04 -8.62 -17.11
CA VAL D 209 31.93 -8.30 -18.22
C VAL D 209 33.21 -9.10 -18.15
N ILE D 210 33.47 -9.89 -19.19
CA ILE D 210 34.67 -10.73 -19.24
C ILE D 210 35.95 -9.90 -19.26
N PRO D 211 36.84 -10.14 -18.27
CA PRO D 211 38.12 -9.45 -18.18
C PRO D 211 39.21 -10.08 -19.04
N GLU D 212 40.05 -9.25 -19.65
CA GLU D 212 41.12 -9.72 -20.51
C GLU D 212 42.16 -10.54 -19.74
CL CL E . -26.88 7.82 21.70
#